data_8JPD
#
_entry.id   8JPD
#
_cell.length_a   1.00
_cell.length_b   1.00
_cell.length_c   1.00
_cell.angle_alpha   90.00
_cell.angle_beta   90.00
_cell.angle_gamma   90.00
#
_symmetry.space_group_name_H-M   'P 1'
#
loop_
_entity.id
_entity.type
_entity.pdbx_description
1 polymer 'Beta-adrenergic receptor kinase 1'
2 non-polymer STAUROSPORINE
#
_entity_poly.entity_id   1
_entity_poly.type   'polypeptide(L)'
_entity_poly.pdbx_seq_one_letter_code
;ADLEAVLADVSYLMAMEKSKATPAARASKKILLPEPSIRSVMQKYLEDRGEVTFEKIFSQKLGYLLFRDFCLKHLEEAKP
LVEFYEEIKKYEKLETEEERLVCSREIFDTYIMKELLACSHPFSKSAIEHVQGHLVKKQVPPDLFQPYIEEICQNLRGDV
FQKFIESDKFTRFCQWKNVELNIHLTMNDFSVHRIIGRGGFGEVYGCRKADTGKMYAMKCLDKKRIKMKQGETLALNERI
MLSLVSTGDCPFIVCMSYAFHTPDKLSFILDLMNGGDLHYHLSQHGVFSEPDMIFYAAEIILGLEHMHNRFVVYRDLKPA
NILLDEHGHVRISDLGLACDFSKKKPHASVGTHGYMAPEVLQKGVAYDSSADWFSLGCMLFKLLRGHSPFRQHKTKDKHE
IDRMTLTMAVELPDSFSPELRSLLEGLLQRDVNRRLGCLGRGAQEVKESPFFRDLDWQMVFLQKYPPPLIPPRGEVNAAD
AFDIGSFDEEDTKGIKLLDSDQELYRNFPLTISERWQQEVAETVFDTINAETDRLEARKKTKNKQLGHEEDYALGKDCIM
HGYMSKMGNPFLTQWQRRYFYLFPNRLEWRGEGEAPQSLLTMEEIQSVEETQIKERKCLLLKIRGGKQFVLQCDSDPELV
QWKKELRDAYREAQQLVQRVPKMKNKPRSPVVELSKVPLIQRGSANGL
;
_entity_poly.pdbx_strand_id   G
#
# COMPACT_ATOMS: atom_id res chain seq x y z
N ALA A 1 -33.37 17.25 3.42
CA ALA A 1 -32.12 17.76 4.04
C ALA A 1 -31.91 19.23 3.68
N ASP A 2 -31.11 19.93 4.48
CA ASP A 2 -30.86 21.34 4.25
C ASP A 2 -29.98 21.52 3.01
N LEU A 3 -29.88 22.78 2.57
CA LEU A 3 -29.11 23.07 1.36
C LEU A 3 -27.65 22.72 1.54
N GLU A 4 -27.07 23.00 2.70
CA GLU A 4 -25.65 22.76 2.90
C GLU A 4 -25.32 21.28 2.79
N ALA A 5 -26.13 20.42 3.39
CA ALA A 5 -25.90 18.98 3.29
C ALA A 5 -26.02 18.50 1.84
N VAL A 6 -27.02 18.99 1.13
CA VAL A 6 -27.20 18.60 -0.26
C VAL A 6 -25.99 19.01 -1.09
N LEU A 7 -25.51 20.24 -0.89
CA LEU A 7 -24.34 20.69 -1.62
C LEU A 7 -23.11 19.86 -1.29
N ALA A 8 -22.91 19.53 -0.01
CA ALA A 8 -21.77 18.71 0.36
C ALA A 8 -21.84 17.34 -0.32
N ASP A 9 -23.02 16.72 -0.29
CA ASP A 9 -23.19 15.41 -0.92
C ASP A 9 -22.94 15.49 -2.41
N VAL A 10 -23.46 16.52 -3.07
CA VAL A 10 -23.30 16.65 -4.51
C VAL A 10 -21.84 16.86 -4.86
N SER A 11 -21.14 17.71 -4.11
CA SER A 11 -19.72 17.93 -4.36
C SER A 11 -18.94 16.64 -4.17
N TYR A 12 -19.22 15.89 -3.11
CA TYR A 12 -18.54 14.63 -2.86
C TYR A 12 -18.77 13.65 -4.01
N LEU A 13 -20.03 13.50 -4.42
CA LEU A 13 -20.35 12.56 -5.50
C LEU A 13 -19.69 12.97 -6.80
N MET A 14 -19.73 14.26 -7.14
CA MET A 14 -19.14 14.70 -8.39
C MET A 14 -17.62 14.54 -8.38
N ALA A 15 -16.96 14.84 -7.26
CA ALA A 15 -15.54 14.59 -7.17
C ALA A 15 -15.23 13.10 -7.27
N MET A 16 -16.12 12.26 -6.76
CA MET A 16 -15.91 10.82 -6.86
C MET A 16 -16.08 10.32 -8.30
N GLU A 17 -16.99 10.94 -9.05
CA GLU A 17 -17.30 10.48 -10.41
C GLU A 17 -16.56 11.25 -11.49
N LYS A 18 -15.86 12.33 -11.14
CA LYS A 18 -15.28 13.21 -12.14
C LYS A 18 -14.22 12.50 -12.98
N SER A 19 -14.30 12.69 -14.30
CA SER A 19 -13.27 12.23 -15.23
C SER A 19 -12.89 10.77 -15.00
N LYS A 20 -13.90 9.91 -14.89
CA LYS A 20 -13.63 8.49 -14.70
C LYS A 20 -12.87 7.91 -15.89
N ALA A 21 -13.18 8.38 -17.10
CA ALA A 21 -12.50 7.86 -18.29
C ALA A 21 -11.08 8.38 -18.43
N THR A 22 -10.75 9.50 -17.79
CA THR A 22 -9.41 10.09 -17.87
C THR A 22 -8.94 10.39 -16.45
N PRO A 23 -8.43 9.37 -15.74
CA PRO A 23 -8.00 9.58 -14.35
C PRO A 23 -6.89 10.61 -14.20
N ALA A 24 -6.06 10.79 -15.22
CA ALA A 24 -4.99 11.78 -15.11
C ALA A 24 -5.53 13.19 -14.96
N ALA A 25 -6.74 13.44 -15.46
CA ALA A 25 -7.34 14.77 -15.41
C ALA A 25 -7.89 15.12 -14.03
N ARG A 26 -7.93 14.18 -13.10
CA ARG A 26 -8.48 14.43 -11.77
C ARG A 26 -7.48 15.10 -10.85
N ALA A 27 -6.21 15.19 -11.22
CA ALA A 27 -5.20 15.76 -10.35
C ALA A 27 -5.21 17.28 -10.42
N SER A 28 -5.27 17.92 -9.25
CA SER A 28 -5.17 19.37 -9.16
C SER A 28 -3.76 19.85 -8.91
N LYS A 29 -2.94 19.06 -8.22
CA LYS A 29 -1.52 19.34 -8.05
C LYS A 29 -0.73 18.47 -9.03
N LYS A 30 0.53 18.86 -9.27
CA LYS A 30 1.37 18.17 -10.23
C LYS A 30 2.63 17.68 -9.53
N ILE A 31 3.04 16.45 -9.84
CA ILE A 31 4.26 15.88 -9.28
C ILE A 31 5.44 16.46 -10.06
N LEU A 32 6.40 17.05 -9.35
CA LEU A 32 7.57 17.65 -9.97
C LEU A 32 8.76 16.72 -9.73
N LEU A 33 9.14 15.98 -10.76
CA LEU A 33 10.27 15.07 -10.65
C LEU A 33 11.57 15.87 -10.52
N PRO A 34 12.55 15.34 -9.78
CA PRO A 34 13.83 16.04 -9.68
C PRO A 34 14.58 16.02 -11.00
N GLU A 35 15.67 16.80 -11.04
CA GLU A 35 16.46 16.89 -12.25
C GLU A 35 17.11 15.54 -12.57
N PRO A 36 17.43 15.27 -13.83
CA PRO A 36 18.06 13.99 -14.17
C PRO A 36 19.41 13.77 -13.52
N SER A 37 20.02 14.81 -12.97
CA SER A 37 21.29 14.64 -12.26
C SER A 37 21.11 13.85 -10.97
N ILE A 38 19.87 13.60 -10.55
CA ILE A 38 19.62 12.93 -9.29
C ILE A 38 20.25 11.54 -9.27
N ARG A 39 20.39 10.89 -10.43
CA ARG A 39 20.80 9.49 -10.44
C ARG A 39 22.19 9.32 -9.81
N SER A 40 23.01 10.35 -9.84
CA SER A 40 24.35 10.22 -9.26
C SER A 40 24.28 9.90 -7.77
N VAL A 41 23.29 10.44 -7.08
CA VAL A 41 23.11 10.17 -5.65
C VAL A 41 22.21 8.97 -5.43
N MET A 42 21.09 8.92 -6.16
CA MET A 42 20.12 7.86 -5.94
C MET A 42 20.65 6.49 -6.35
N GLN A 43 21.54 6.45 -7.35
CA GLN A 43 22.13 5.16 -7.70
C GLN A 43 22.95 4.60 -6.54
N LYS A 44 23.79 5.44 -5.93
CA LYS A 44 24.57 4.99 -4.78
C LYS A 44 23.66 4.66 -3.61
N TYR A 45 22.61 5.45 -3.40
CA TYR A 45 21.68 5.19 -2.31
C TYR A 45 21.03 3.82 -2.47
N LEU A 46 20.62 3.48 -3.70
CA LEU A 46 19.98 2.20 -3.94
C LEU A 46 20.99 1.06 -3.95
N GLU A 47 22.19 1.30 -4.48
CA GLU A 47 23.21 0.26 -4.47
C GLU A 47 23.62 -0.11 -3.05
N ASP A 48 23.76 0.90 -2.17
CA ASP A 48 24.23 0.64 -0.82
C ASP A 48 23.31 -0.31 -0.05
N ARG A 49 22.05 -0.45 -0.47
CA ARG A 49 21.12 -1.39 0.15
C ARG A 49 20.71 -2.49 -0.83
N GLY A 50 21.47 -2.68 -1.90
CA GLY A 50 21.23 -3.79 -2.81
C GLY A 50 19.86 -3.76 -3.46
N GLU A 51 19.42 -2.60 -3.95
CA GLU A 51 18.10 -2.46 -4.53
C GLU A 51 18.11 -2.27 -6.04
N VAL A 52 19.27 -2.42 -6.69
CA VAL A 52 19.37 -2.24 -8.13
C VAL A 52 19.53 -3.58 -8.83
N THR A 53 19.25 -4.67 -8.11
CA THR A 53 19.28 -5.98 -8.73
C THR A 53 18.07 -6.13 -9.65
N PHE A 54 18.17 -7.09 -10.57
CA PHE A 54 17.10 -7.25 -11.57
C PHE A 54 15.78 -7.58 -10.90
N GLU A 55 15.78 -8.48 -9.92
CA GLU A 55 14.54 -8.87 -9.28
C GLU A 55 13.88 -7.69 -8.56
N LYS A 56 14.66 -6.89 -7.86
CA LYS A 56 14.09 -5.79 -7.09
C LYS A 56 13.39 -4.78 -7.99
N ILE A 57 14.04 -4.39 -9.08
CA ILE A 57 13.44 -3.40 -9.98
C ILE A 57 12.29 -4.02 -10.76
N PHE A 58 12.50 -5.21 -11.32
CA PHE A 58 11.49 -5.84 -12.15
C PHE A 58 10.24 -6.21 -11.36
N SER A 59 10.35 -6.35 -10.05
CA SER A 59 9.19 -6.61 -9.21
C SER A 59 8.45 -5.35 -8.80
N GLN A 60 8.99 -4.18 -9.10
CA GLN A 60 8.32 -2.92 -8.79
C GLN A 60 7.48 -2.46 -9.97
N LYS A 61 6.33 -1.86 -9.68
CA LYS A 61 5.42 -1.47 -10.75
C LYS A 61 6.05 -0.44 -11.67
N LEU A 62 6.57 0.65 -11.10
CA LEU A 62 7.19 1.68 -11.94
C LEU A 62 8.49 1.18 -12.55
N GLY A 63 9.29 0.43 -11.79
CA GLY A 63 10.49 -0.16 -12.36
C GLY A 63 10.17 -1.09 -13.50
N TYR A 64 9.14 -1.93 -13.34
CA TYR A 64 8.75 -2.83 -14.42
C TYR A 64 8.28 -2.05 -15.63
N LEU A 65 7.48 -1.01 -15.42
CA LEU A 65 6.99 -0.23 -16.56
C LEU A 65 8.15 0.41 -17.32
N LEU A 66 9.10 1.01 -16.59
CA LEU A 66 10.23 1.65 -17.27
C LEU A 66 11.10 0.63 -17.98
N PHE A 67 11.34 -0.53 -17.37
CA PHE A 67 12.15 -1.55 -18.02
C PHE A 67 11.45 -2.09 -19.27
N ARG A 68 10.14 -2.33 -19.18
CA ARG A 68 9.37 -2.81 -20.32
C ARG A 68 9.44 -1.81 -21.47
N ASP A 69 9.24 -0.53 -21.16
CA ASP A 69 9.20 0.48 -22.22
C ASP A 69 10.60 0.78 -22.75
N PHE A 70 11.64 0.51 -21.97
CA PHE A 70 13.00 0.56 -22.51
C PHE A 70 13.24 -0.57 -23.49
N CYS A 71 12.89 -1.80 -23.10
CA CYS A 71 13.13 -2.95 -23.96
C CYS A 71 12.33 -2.84 -25.25
N LEU A 72 11.08 -2.39 -25.16
CA LEU A 72 10.21 -2.37 -26.34
C LEU A 72 10.56 -1.26 -27.31
N LYS A 73 11.42 -0.32 -26.94
CA LYS A 73 11.69 0.85 -27.76
C LYS A 73 13.16 1.17 -27.95
N HIS A 74 14.06 0.73 -27.07
CA HIS A 74 15.45 1.12 -27.13
C HIS A 74 16.42 -0.05 -27.16
N LEU A 75 15.93 -1.29 -27.33
CA LEU A 75 16.82 -2.45 -27.41
C LEU A 75 16.09 -3.51 -28.24
N GLU A 76 16.53 -3.67 -29.49
CA GLU A 76 15.88 -4.60 -30.39
C GLU A 76 15.99 -6.04 -29.90
N GLU A 77 17.16 -6.43 -29.37
CA GLU A 77 17.36 -7.81 -28.95
C GLU A 77 16.37 -8.22 -27.87
N ALA A 78 16.06 -7.32 -26.93
CA ALA A 78 15.19 -7.65 -25.81
C ALA A 78 13.71 -7.53 -26.14
N LYS A 79 13.36 -6.92 -27.28
CA LYS A 79 11.95 -6.74 -27.61
C LYS A 79 11.17 -8.04 -27.67
N PRO A 80 11.60 -9.07 -28.41
CA PRO A 80 10.83 -10.32 -28.42
C PRO A 80 10.72 -10.96 -27.04
N LEU A 81 11.76 -10.86 -26.22
CA LEU A 81 11.71 -11.45 -24.88
C LEU A 81 10.62 -10.81 -24.04
N VAL A 82 10.59 -9.47 -24.03
CA VAL A 82 9.58 -8.78 -23.22
C VAL A 82 8.19 -9.01 -23.78
N GLU A 83 8.05 -9.03 -25.11
CA GLU A 83 6.75 -9.31 -25.69
C GLU A 83 6.25 -10.70 -25.31
N PHE A 84 7.14 -11.70 -25.38
CA PHE A 84 6.78 -13.06 -25.00
C PHE A 84 6.39 -13.13 -23.54
N TYR A 85 7.17 -12.49 -22.66
CA TYR A 85 6.85 -12.51 -21.23
C TYR A 85 5.50 -11.86 -20.98
N GLU A 86 5.26 -10.70 -21.59
CA GLU A 86 4.01 -9.99 -21.36
C GLU A 86 2.81 -10.80 -21.85
N GLU A 87 2.94 -11.44 -23.01
CA GLU A 87 1.80 -12.24 -23.50
C GLU A 87 1.61 -13.50 -22.67
N ILE A 88 2.68 -14.08 -22.14
CA ILE A 88 2.52 -15.19 -21.20
C ILE A 88 1.74 -14.73 -19.97
N LYS A 89 2.13 -13.58 -19.42
CA LYS A 89 1.41 -13.05 -18.26
C LYS A 89 -0.05 -12.79 -18.58
N LYS A 90 -0.35 -12.25 -19.77
CA LYS A 90 -1.74 -12.07 -20.18
C LYS A 90 -2.47 -13.40 -20.25
N TYR A 91 -1.81 -14.42 -20.79
CA TYR A 91 -2.42 -15.75 -20.88
C TYR A 91 -2.74 -16.31 -19.51
N GLU A 92 -1.86 -16.09 -18.53
CA GLU A 92 -2.06 -16.67 -17.20
C GLU A 92 -3.37 -16.20 -16.57
N LYS A 93 -3.93 -15.09 -17.03
CA LYS A 93 -5.15 -14.55 -16.44
C LYS A 93 -6.41 -14.99 -17.18
N LEU A 94 -6.30 -15.84 -18.19
CA LEU A 94 -7.47 -16.37 -18.86
C LEU A 94 -8.17 -17.37 -17.95
N GLU A 95 -9.50 -17.24 -17.82
CA GLU A 95 -10.25 -17.97 -16.81
C GLU A 95 -10.88 -19.25 -17.31
N THR A 96 -10.88 -19.52 -18.62
CA THR A 96 -11.55 -20.69 -19.17
C THR A 96 -10.63 -21.42 -20.13
N GLU A 97 -10.73 -22.75 -20.13
CA GLU A 97 -9.93 -23.55 -21.03
C GLU A 97 -10.32 -23.33 -22.48
N GLU A 98 -11.58 -23.01 -22.75
CA GLU A 98 -12.01 -22.76 -24.13
C GLU A 98 -11.23 -21.60 -24.72
N GLU A 99 -10.95 -20.56 -23.93
CA GLU A 99 -10.16 -19.43 -24.39
C GLU A 99 -8.66 -19.70 -24.28
N ARG A 100 -8.25 -20.41 -23.22
CA ARG A 100 -6.83 -20.71 -23.05
C ARG A 100 -6.30 -21.58 -24.18
N LEU A 101 -7.13 -22.44 -24.75
CA LEU A 101 -6.67 -23.28 -25.86
C LEU A 101 -6.19 -22.41 -27.03
N VAL A 102 -7.04 -21.48 -27.48
CA VAL A 102 -6.69 -20.65 -28.61
C VAL A 102 -5.55 -19.70 -28.24
N CYS A 103 -5.60 -19.14 -27.03
CA CYS A 103 -4.53 -18.23 -26.63
C CYS A 103 -3.18 -18.95 -26.60
N SER A 104 -3.15 -20.17 -26.08
CA SER A 104 -1.90 -20.92 -26.00
C SER A 104 -1.41 -21.32 -27.38
N ARG A 105 -2.32 -21.72 -28.27
CA ARG A 105 -1.89 -22.04 -29.62
C ARG A 105 -1.30 -20.82 -30.31
N GLU A 106 -1.95 -19.66 -30.14
CA GLU A 106 -1.41 -18.44 -30.74
C GLU A 106 -0.04 -18.11 -30.19
N ILE A 107 0.13 -18.21 -28.86
CA ILE A 107 1.42 -17.90 -28.25
C ILE A 107 2.48 -18.87 -28.77
N PHE A 108 2.15 -20.16 -28.81
CA PHE A 108 3.10 -21.15 -29.29
C PHE A 108 3.53 -20.85 -30.72
N ASP A 109 2.57 -20.65 -31.61
CA ASP A 109 2.91 -20.39 -33.00
C ASP A 109 3.73 -19.11 -33.14
N THR A 110 3.39 -18.07 -32.39
CA THR A 110 4.03 -16.78 -32.57
C THR A 110 5.45 -16.77 -32.04
N TYR A 111 5.67 -17.32 -30.84
CA TYR A 111 6.93 -17.13 -30.13
C TYR A 111 7.78 -18.37 -30.00
N ILE A 112 7.28 -19.56 -30.35
CA ILE A 112 8.02 -20.80 -30.24
C ILE A 112 8.21 -21.46 -31.60
N MET A 113 7.11 -21.74 -32.30
CA MET A 113 7.22 -22.52 -33.52
C MET A 113 7.99 -21.78 -34.61
N LYS A 114 7.73 -20.49 -34.79
CA LYS A 114 8.43 -19.75 -35.83
C LYS A 114 9.92 -19.69 -35.54
N GLU A 115 10.30 -19.43 -34.29
CA GLU A 115 11.71 -19.41 -33.94
C GLU A 115 12.35 -20.78 -34.12
N LEU A 116 11.63 -21.85 -33.75
CA LEU A 116 12.16 -23.19 -33.98
C LEU A 116 12.38 -23.47 -35.45
N LEU A 117 11.43 -23.05 -36.30
CA LEU A 117 11.58 -23.25 -37.73
C LEU A 117 12.78 -22.47 -38.27
N ALA A 118 12.96 -21.24 -37.79
CA ALA A 118 14.10 -20.43 -38.19
C ALA A 118 15.36 -20.79 -37.41
N CYS A 119 15.27 -21.69 -36.43
CA CYS A 119 16.41 -22.09 -35.61
C CYS A 119 16.99 -20.91 -34.83
N SER A 120 16.15 -19.91 -34.56
CA SER A 120 16.55 -18.74 -33.79
C SER A 120 16.14 -18.83 -32.32
N HIS A 121 15.58 -19.96 -31.90
CA HIS A 121 15.07 -20.07 -30.54
C HIS A 121 16.24 -20.19 -29.56
N PRO A 122 16.37 -19.29 -28.57
CA PRO A 122 17.47 -19.42 -27.61
C PRO A 122 17.14 -20.24 -26.38
N PHE A 123 15.89 -20.66 -26.21
CA PHE A 123 15.47 -21.31 -24.97
C PHE A 123 15.90 -22.78 -24.96
N SER A 124 15.90 -23.36 -23.76
CA SER A 124 16.41 -24.69 -23.56
C SER A 124 15.43 -25.74 -24.09
N LYS A 125 15.97 -26.92 -24.41
CA LYS A 125 15.13 -28.01 -24.89
C LYS A 125 14.08 -28.41 -23.87
N SER A 126 14.38 -28.24 -22.57
CA SER A 126 13.45 -28.68 -21.53
C SER A 126 12.13 -27.94 -21.62
N ALA A 127 12.18 -26.61 -21.75
CA ALA A 127 10.96 -25.83 -21.82
C ALA A 127 10.16 -26.16 -23.08
N ILE A 128 10.85 -26.29 -24.21
CA ILE A 128 10.18 -26.63 -25.47
C ILE A 128 9.44 -27.95 -25.31
N GLU A 129 10.14 -28.96 -24.79
CA GLU A 129 9.53 -30.28 -24.65
C GLU A 129 8.39 -30.26 -23.64
N HIS A 130 8.54 -29.50 -22.55
CA HIS A 130 7.46 -29.40 -21.56
C HIS A 130 6.20 -28.82 -22.20
N VAL A 131 6.34 -27.71 -22.91
CA VAL A 131 5.17 -27.09 -23.54
C VAL A 131 4.58 -28.00 -24.60
N GLN A 132 5.43 -28.65 -25.39
CA GLN A 132 4.94 -29.54 -26.43
C GLN A 132 4.18 -30.72 -25.82
N GLY A 133 4.70 -31.29 -24.74
CA GLY A 133 4.02 -32.40 -24.10
C GLY A 133 2.69 -32.00 -23.51
N HIS A 134 2.62 -30.82 -22.90
CA HIS A 134 1.35 -30.36 -22.37
C HIS A 134 0.34 -30.11 -23.49
N LEU A 135 0.79 -29.49 -24.59
CA LEU A 135 -0.15 -29.09 -25.63
C LEU A 135 -0.60 -30.27 -26.49
N VAL A 136 0.28 -31.23 -26.73
CA VAL A 136 -0.10 -32.36 -27.58
C VAL A 136 -1.25 -33.15 -26.94
N LYS A 137 -1.36 -33.10 -25.62
CA LYS A 137 -2.42 -33.79 -24.90
C LYS A 137 -3.63 -32.89 -24.65
N LYS A 138 -3.65 -31.69 -25.22
CA LYS A 138 -4.76 -30.75 -25.08
C LYS A 138 -4.85 -30.17 -23.67
N GLN A 139 -3.75 -30.19 -22.92
CA GLN A 139 -3.74 -29.61 -21.59
C GLN A 139 -3.28 -28.16 -21.66
N VAL A 140 -4.04 -27.27 -21.04
CA VAL A 140 -3.73 -25.85 -21.05
C VAL A 140 -3.82 -25.29 -19.63
N PRO A 141 -2.99 -25.77 -18.70
CA PRO A 141 -3.00 -25.19 -17.36
C PRO A 141 -2.42 -23.79 -17.38
N PRO A 142 -2.80 -22.94 -16.41
CA PRO A 142 -2.21 -21.59 -16.37
C PRO A 142 -0.70 -21.59 -16.22
N ASP A 143 -0.12 -22.65 -15.65
CA ASP A 143 1.32 -22.75 -15.47
C ASP A 143 2.04 -23.33 -16.69
N LEU A 144 1.44 -23.21 -17.88
CA LEU A 144 2.05 -23.79 -19.07
C LEU A 144 3.46 -23.25 -19.31
N PHE A 145 3.60 -21.93 -19.30
CA PHE A 145 4.83 -21.29 -19.76
C PHE A 145 5.75 -20.87 -18.62
N GLN A 146 5.53 -21.39 -17.40
CA GLN A 146 6.38 -21.00 -16.29
C GLN A 146 7.86 -21.25 -16.57
N PRO A 147 8.27 -22.38 -17.15
CA PRO A 147 9.68 -22.52 -17.52
C PRO A 147 10.14 -21.42 -18.47
N TYR A 148 9.27 -21.01 -19.40
CA TYR A 148 9.62 -19.93 -20.29
C TYR A 148 9.71 -18.60 -19.54
N ILE A 149 8.88 -18.40 -18.53
CA ILE A 149 9.00 -17.21 -17.70
C ILE A 149 10.37 -17.19 -17.02
N GLU A 150 10.76 -18.33 -16.44
CA GLU A 150 12.05 -18.39 -15.75
C GLU A 150 13.20 -18.12 -16.72
N GLU A 151 13.15 -18.73 -17.90
CA GLU A 151 14.23 -18.54 -18.86
C GLU A 151 14.25 -17.13 -19.43
N ILE A 152 13.10 -16.51 -19.63
CA ILE A 152 13.06 -15.12 -20.09
C ILE A 152 13.67 -14.22 -19.04
N CYS A 153 13.33 -14.44 -17.76
CA CYS A 153 13.94 -13.65 -16.70
C CYS A 153 15.45 -13.87 -16.65
N GLN A 154 15.89 -15.10 -16.85
CA GLN A 154 17.33 -15.37 -16.87
C GLN A 154 18.01 -14.63 -18.02
N ASN A 155 17.40 -14.61 -19.20
CA ASN A 155 17.98 -13.89 -20.32
C ASN A 155 18.00 -12.38 -20.08
N LEU A 156 16.92 -11.84 -19.52
CA LEU A 156 16.86 -10.40 -19.27
C LEU A 156 17.85 -9.99 -18.18
N ARG A 157 18.16 -10.91 -17.26
CA ARG A 157 19.09 -10.60 -16.18
C ARG A 157 20.49 -10.29 -16.70
N GLY A 158 20.80 -10.66 -17.94
CA GLY A 158 22.14 -10.51 -18.46
C GLY A 158 22.46 -9.10 -18.92
N ASP A 159 23.06 -8.99 -20.11
CA ASP A 159 23.49 -7.69 -20.59
C ASP A 159 22.32 -6.74 -20.80
N VAL A 160 21.12 -7.28 -20.97
CA VAL A 160 19.94 -6.43 -21.17
C VAL A 160 19.75 -5.52 -19.94
N PHE A 161 19.86 -6.10 -18.75
CA PHE A 161 19.66 -5.32 -17.53
C PHE A 161 20.78 -4.30 -17.34
N GLN A 162 22.01 -4.68 -17.68
CA GLN A 162 23.11 -3.72 -17.59
C GLN A 162 22.89 -2.55 -18.54
N LYS A 163 22.45 -2.83 -19.76
CA LYS A 163 22.16 -1.76 -20.70
C LYS A 163 21.04 -0.88 -20.18
N PHE A 164 20.01 -1.48 -19.58
CA PHE A 164 18.94 -0.70 -18.98
C PHE A 164 19.50 0.23 -17.90
N ILE A 165 20.36 -0.29 -17.03
CA ILE A 165 20.91 0.52 -15.96
C ILE A 165 21.73 1.67 -16.52
N GLU A 166 22.47 1.41 -17.59
CA GLU A 166 23.26 2.48 -18.21
C GLU A 166 22.40 3.43 -19.04
N SER A 167 21.12 3.12 -19.24
CA SER A 167 20.28 3.92 -20.11
C SER A 167 19.76 5.16 -19.40
N ASP A 168 19.02 5.98 -20.14
CA ASP A 168 18.43 7.18 -19.56
C ASP A 168 17.09 6.89 -18.90
N LYS A 169 16.58 5.66 -19.00
CA LYS A 169 15.33 5.33 -18.33
C LYS A 169 15.54 4.82 -16.92
N PHE A 170 16.71 4.26 -16.62
CA PHE A 170 17.05 4.05 -15.22
C PHE A 170 17.19 5.37 -14.50
N THR A 171 17.58 6.43 -15.20
CA THR A 171 17.55 7.77 -14.61
C THR A 171 16.12 8.16 -14.25
N ARG A 172 15.16 7.85 -15.12
CA ARG A 172 13.77 8.13 -14.80
C ARG A 172 13.31 7.29 -13.61
N PHE A 173 13.75 6.03 -13.53
CA PHE A 173 13.41 5.23 -12.36
C PHE A 173 13.98 5.84 -11.09
N CYS A 174 15.22 6.33 -11.15
CA CYS A 174 15.81 6.99 -9.99
C CYS A 174 15.02 8.24 -9.60
N GLN A 175 14.58 9.00 -10.60
CA GLN A 175 13.78 10.19 -10.32
C GLN A 175 12.47 9.81 -9.62
N TRP A 176 11.78 8.80 -10.14
CA TRP A 176 10.51 8.39 -9.54
C TRP A 176 10.73 7.82 -8.14
N LYS A 177 11.80 7.07 -7.94
CA LYS A 177 12.10 6.53 -6.62
C LYS A 177 12.41 7.64 -5.63
N ASN A 178 13.15 8.67 -6.07
CA ASN A 178 13.41 9.81 -5.20
C ASN A 178 12.13 10.53 -4.83
N VAL A 179 11.22 10.68 -5.81
CA VAL A 179 9.93 11.29 -5.50
C VAL A 179 9.17 10.43 -4.49
N GLU A 180 9.30 9.11 -4.60
CA GLU A 180 8.62 8.21 -3.66
C GLU A 180 9.16 8.38 -2.25
N LEU A 181 10.48 8.33 -2.10
CA LEU A 181 11.09 8.32 -0.77
C LEU A 181 11.01 9.67 -0.08
N ASN A 182 10.60 10.72 -0.79
CA ASN A 182 10.43 12.05 -0.22
C ASN A 182 8.96 12.40 0.02
N ILE A 183 8.13 11.41 0.36
CA ILE A 183 6.73 11.68 0.63
C ILE A 183 6.59 12.16 2.06
N HIS A 184 6.14 13.41 2.24
CA HIS A 184 5.88 13.99 3.56
C HIS A 184 4.47 14.57 3.51
N LEU A 185 3.48 13.73 3.81
CA LEU A 185 2.10 14.14 3.67
C LEU A 185 1.69 15.11 4.77
N THR A 186 0.78 16.00 4.41
CA THR A 186 0.12 16.90 5.35
C THR A 186 -1.35 16.96 5.00
N MET A 187 -2.16 17.51 5.90
CA MET A 187 -3.59 17.61 5.65
C MET A 187 -3.88 18.44 4.40
N ASN A 188 -2.94 19.29 3.99
CA ASN A 188 -3.13 20.10 2.79
C ASN A 188 -3.15 19.23 1.54
N ASP A 189 -2.43 18.12 1.52
CA ASP A 189 -2.30 17.30 0.32
C ASP A 189 -3.62 16.66 -0.11
N PHE A 190 -4.64 16.66 0.75
CA PHE A 190 -5.89 15.97 0.47
C PHE A 190 -7.04 16.97 0.46
N SER A 191 -8.03 16.71 -0.38
CA SER A 191 -9.27 17.50 -0.42
C SER A 191 -10.33 16.73 0.34
N VAL A 192 -10.51 17.06 1.61
CA VAL A 192 -11.36 16.28 2.49
C VAL A 192 -12.82 16.63 2.21
N HIS A 193 -13.62 15.62 1.89
CA HIS A 193 -15.04 15.79 1.66
C HIS A 193 -15.81 15.52 2.95
N ARG A 194 -17.13 15.36 2.84
CA ARG A 194 -17.98 15.23 4.01
C ARG A 194 -17.62 13.99 4.83
N ILE A 195 -17.90 14.07 6.13
CA ILE A 195 -17.71 12.93 7.01
C ILE A 195 -18.61 11.78 6.58
N ILE A 196 -18.08 10.56 6.64
CA ILE A 196 -18.84 9.38 6.30
C ILE A 196 -19.01 8.42 7.47
N GLY A 197 -18.26 8.58 8.55
CA GLY A 197 -18.43 7.73 9.72
C GLY A 197 -17.71 8.33 10.90
N ARG A 198 -18.02 7.78 12.07
CA ARG A 198 -17.41 8.25 13.31
C ARG A 198 -17.38 7.12 14.32
N GLY A 199 -16.40 7.18 15.21
CA GLY A 199 -16.24 6.17 16.24
C GLY A 199 -14.81 6.10 16.70
N GLY A 200 -14.60 5.34 17.77
CA GLY A 200 -13.26 5.22 18.31
C GLY A 200 -12.72 6.57 18.75
N PHE A 201 -11.50 6.87 18.33
CA PHE A 201 -10.83 8.12 18.70
C PHE A 201 -11.08 9.26 17.72
N GLY A 202 -11.82 9.03 16.65
CA GLY A 202 -12.02 10.10 15.69
C GLY A 202 -13.00 9.73 14.60
N GLU A 203 -12.84 10.38 13.45
CA GLU A 203 -13.84 10.37 12.39
C GLU A 203 -13.20 9.92 11.08
N VAL A 204 -14.04 9.50 10.13
CA VAL A 204 -13.60 9.06 8.82
C VAL A 204 -14.24 9.95 7.76
N TYR A 205 -13.41 10.53 6.90
CA TYR A 205 -13.86 11.38 5.82
C TYR A 205 -13.40 10.83 4.48
N GLY A 206 -14.24 10.94 3.47
CA GLY A 206 -13.80 10.71 2.12
C GLY A 206 -12.96 11.87 1.61
N CYS A 207 -11.92 11.55 0.86
CA CYS A 207 -10.98 12.57 0.42
C CYS A 207 -10.37 12.18 -0.91
N ARG A 208 -9.88 13.19 -1.62
CA ARG A 208 -9.20 13.02 -2.90
C ARG A 208 -7.76 13.51 -2.75
N LYS A 209 -6.79 12.66 -3.10
CA LYS A 209 -5.40 13.07 -3.02
C LYS A 209 -5.12 14.09 -4.11
N ALA A 210 -4.47 15.20 -3.72
CA ALA A 210 -4.38 16.35 -4.62
C ALA A 210 -3.58 16.02 -5.88
N ASP A 211 -2.40 15.41 -5.73
CA ASP A 211 -1.46 15.28 -6.83
C ASP A 211 -1.69 14.05 -7.69
N THR A 212 -2.68 13.22 -7.36
CA THR A 212 -3.06 12.10 -8.23
C THR A 212 -4.54 11.99 -8.49
N GLY A 213 -5.40 12.54 -7.64
CA GLY A 213 -6.83 12.49 -7.87
C GLY A 213 -7.51 11.21 -7.43
N LYS A 214 -6.77 10.26 -6.88
CA LYS A 214 -7.39 9.01 -6.43
C LYS A 214 -8.20 9.26 -5.16
N MET A 215 -9.41 8.72 -5.14
CA MET A 215 -10.27 8.86 -3.98
C MET A 215 -9.85 7.91 -2.87
N TYR A 216 -9.78 8.43 -1.65
CA TYR A 216 -9.37 7.67 -0.49
C TYR A 216 -10.36 7.89 0.64
N ALA A 217 -10.20 7.13 1.71
CA ALA A 217 -10.92 7.34 2.95
C ALA A 217 -9.91 7.69 4.03
N MET A 218 -9.99 8.92 4.55
CA MET A 218 -9.06 9.40 5.55
C MET A 218 -9.66 9.17 6.93
N LYS A 219 -8.99 8.38 7.74
CA LYS A 219 -9.41 8.08 9.10
C LYS A 219 -8.54 8.87 10.06
N CYS A 220 -9.13 9.85 10.74
CA CYS A 220 -8.41 10.75 11.62
C CYS A 220 -8.66 10.37 13.07
N LEU A 221 -7.58 10.28 13.85
CA LEU A 221 -7.65 10.05 15.28
C LEU A 221 -7.11 11.28 15.99
N ASP A 222 -7.85 11.78 16.97
CA ASP A 222 -7.45 12.97 17.69
C ASP A 222 -6.44 12.60 18.76
N LYS A 223 -5.28 13.28 18.76
CA LYS A 223 -4.25 12.98 19.75
C LYS A 223 -4.73 13.28 21.15
N LYS A 224 -5.46 14.39 21.34
CA LYS A 224 -5.94 14.74 22.68
C LYS A 224 -6.89 13.69 23.22
N ARG A 225 -7.80 13.19 22.38
CA ARG A 225 -8.71 12.13 22.82
C ARG A 225 -7.95 10.85 23.14
N ILE A 226 -6.95 10.52 22.34
CA ILE A 226 -6.14 9.33 22.59
C ILE A 226 -5.47 9.44 23.96
N LYS A 227 -4.88 10.60 24.25
CA LYS A 227 -4.25 10.81 25.54
C LYS A 227 -5.27 10.74 26.67
N MET A 228 -6.46 11.30 26.42
CA MET A 228 -7.51 11.31 27.44
C MET A 228 -7.92 9.89 27.81
N LYS A 229 -8.04 9.00 26.82
CA LYS A 229 -8.46 7.64 27.06
C LYS A 229 -7.30 6.64 27.02
N GLN A 230 -6.07 7.12 27.20
CA GLN A 230 -4.90 6.25 27.31
C GLN A 230 -4.79 5.28 26.13
N GLY A 231 -5.09 5.75 24.93
CA GLY A 231 -5.14 4.91 23.76
C GLY A 231 -3.92 4.92 22.88
N GLU A 232 -2.78 5.41 23.36
CA GLU A 232 -1.60 5.48 22.51
C GLU A 232 -1.19 4.09 22.04
N THR A 233 -1.23 3.11 22.94
CA THR A 233 -0.88 1.75 22.56
C THR A 233 -1.81 1.23 21.47
N LEU A 234 -3.12 1.47 21.60
CA LEU A 234 -4.05 1.04 20.58
C LEU A 234 -3.83 1.79 19.27
N ALA A 235 -3.54 3.08 19.35
CA ALA A 235 -3.32 3.86 18.13
C ALA A 235 -2.12 3.33 17.36
N LEU A 236 -1.04 2.97 18.07
CA LEU A 236 0.13 2.42 17.40
C LEU A 236 -0.13 1.00 16.91
N ASN A 237 -0.87 0.21 17.69
CA ASN A 237 -1.18 -1.15 17.29
C ASN A 237 -2.00 -1.18 16.01
N GLU A 238 -2.91 -0.21 15.85
CA GLU A 238 -3.69 -0.13 14.62
C GLU A 238 -2.78 0.09 13.42
N ARG A 239 -1.80 0.99 13.54
CA ARG A 239 -0.87 1.20 12.44
C ARG A 239 -0.05 -0.05 12.16
N ILE A 240 0.39 -0.74 13.21
CA ILE A 240 1.16 -1.97 13.01
C ILE A 240 0.32 -2.98 12.23
N MET A 241 -0.92 -3.17 12.64
CA MET A 241 -1.78 -4.14 11.96
C MET A 241 -2.05 -3.72 10.52
N LEU A 242 -2.31 -2.44 10.29
CA LEU A 242 -2.61 -1.98 8.94
C LEU A 242 -1.42 -2.17 8.02
N SER A 243 -0.21 -1.88 8.51
CA SER A 243 0.98 -2.10 7.70
C SER A 243 1.28 -3.59 7.55
N LEU A 244 0.84 -4.41 8.50
CA LEU A 244 1.10 -5.85 8.42
C LEU A 244 0.21 -6.51 7.38
N VAL A 245 -1.06 -6.12 7.31
CA VAL A 245 -1.97 -6.75 6.36
C VAL A 245 -2.04 -6.03 5.01
N SER A 246 -1.64 -4.76 4.96
CA SER A 246 -1.69 -4.03 3.69
C SER A 246 -0.66 -4.55 2.71
N THR A 247 0.50 -4.99 3.20
CA THR A 247 1.56 -5.49 2.33
C THR A 247 1.13 -6.82 1.75
N GLY A 248 0.67 -6.80 0.51
CA GLY A 248 0.18 -8.01 -0.14
C GLY A 248 -0.70 -7.64 -1.33
N ASP A 249 -1.63 -8.55 -1.64
CA ASP A 249 -2.55 -8.32 -2.74
C ASP A 249 -3.98 -8.78 -2.43
N CYS A 250 -4.31 -9.02 -1.16
CA CYS A 250 -5.63 -9.51 -0.82
C CYS A 250 -6.68 -8.46 -1.14
N PRO A 251 -7.70 -8.78 -1.94
CA PRO A 251 -8.75 -7.80 -2.22
C PRO A 251 -9.92 -7.85 -1.24
N PHE A 252 -9.75 -8.47 -0.08
CA PHE A 252 -10.83 -8.64 0.89
C PHE A 252 -10.59 -7.85 2.17
N ILE A 253 -9.60 -6.96 2.19
CA ILE A 253 -9.29 -6.14 3.36
C ILE A 253 -9.04 -4.72 2.89
N VAL A 254 -9.52 -3.75 3.66
CA VAL A 254 -9.31 -2.35 3.35
C VAL A 254 -7.84 -2.02 3.62
N CYS A 255 -7.05 -1.91 2.56
CA CYS A 255 -5.62 -1.70 2.69
C CYS A 255 -5.31 -0.24 2.97
N MET A 256 -4.17 0.00 3.61
CA MET A 256 -3.71 1.33 3.96
C MET A 256 -2.59 1.74 3.03
N SER A 257 -2.67 2.96 2.51
CA SER A 257 -1.63 3.45 1.60
C SER A 257 -0.60 4.30 2.34
N TYR A 258 -1.06 5.28 3.13
CA TYR A 258 -0.16 6.18 3.83
C TYR A 258 -0.62 6.32 5.28
N ALA A 259 0.30 6.76 6.13
CA ALA A 259 0.01 7.13 7.49
C ALA A 259 0.84 8.37 7.84
N PHE A 260 0.20 9.34 8.47
CA PHE A 260 0.87 10.57 8.85
C PHE A 260 0.11 11.18 10.01
N HIS A 261 0.65 12.27 10.55
CA HIS A 261 0.00 12.95 11.66
C HIS A 261 0.26 14.45 11.57
N THR A 262 -0.78 15.22 11.89
CA THR A 262 -0.64 16.66 12.08
C THR A 262 -0.30 16.89 13.54
N PRO A 263 -0.14 18.14 13.99
CA PRO A 263 0.18 18.35 15.40
C PRO A 263 -0.87 17.81 16.36
N ASP A 264 -2.10 17.57 15.88
CA ASP A 264 -3.18 17.12 16.75
C ASP A 264 -3.92 15.89 16.27
N LYS A 265 -3.67 15.41 15.05
CA LYS A 265 -4.40 14.28 14.49
C LYS A 265 -3.44 13.20 14.01
N LEU A 266 -3.84 11.95 14.18
CA LEU A 266 -3.21 10.81 13.52
C LEU A 266 -4.11 10.37 12.37
N SER A 267 -3.53 10.25 11.18
CA SER A 267 -4.32 10.01 9.98
C SER A 267 -3.82 8.77 9.25
N PHE A 268 -4.75 7.89 8.90
CA PHE A 268 -4.50 6.77 8.01
C PHE A 268 -5.27 6.99 6.72
N ILE A 269 -4.64 6.66 5.60
CA ILE A 269 -5.27 6.76 4.28
C ILE A 269 -5.60 5.34 3.82
N LEU A 270 -6.88 5.08 3.56
CA LEU A 270 -7.37 3.74 3.31
C LEU A 270 -8.16 3.71 2.01
N ASP A 271 -8.45 2.49 1.54
CA ASP A 271 -9.29 2.33 0.36
C ASP A 271 -10.66 2.91 0.62
N LEU A 272 -11.25 3.55 -0.40
CA LEU A 272 -12.59 4.12 -0.30
C LEU A 272 -13.59 3.08 -0.79
N MET A 273 -14.37 2.53 0.13
CA MET A 273 -15.46 1.62 -0.21
C MET A 273 -16.76 2.43 -0.28
N ASN A 274 -16.93 3.12 -1.39
CA ASN A 274 -18.03 4.07 -1.53
C ASN A 274 -19.41 3.41 -1.49
N GLY A 275 -19.48 2.08 -1.44
CA GLY A 275 -20.77 1.42 -1.36
C GLY A 275 -21.39 1.45 0.02
N GLY A 276 -20.60 1.75 1.05
CA GLY A 276 -21.11 1.79 2.40
C GLY A 276 -21.02 0.45 3.11
N ASP A 277 -21.21 0.49 4.42
CA ASP A 277 -21.08 -0.71 5.23
C ASP A 277 -22.27 -1.63 5.02
N LEU A 278 -22.10 -2.89 5.42
CA LEU A 278 -23.13 -3.89 5.20
C LEU A 278 -24.29 -3.77 6.17
N HIS A 279 -24.11 -3.11 7.31
CA HIS A 279 -25.20 -2.96 8.26
C HIS A 279 -26.24 -1.97 7.75
N TYR A 280 -25.79 -0.86 7.17
CA TYR A 280 -26.70 0.11 6.58
C TYR A 280 -27.52 -0.53 5.47
N HIS A 281 -26.83 -1.28 4.60
CA HIS A 281 -27.52 -1.97 3.51
C HIS A 281 -28.44 -3.04 4.03
N LEU A 282 -28.10 -3.72 5.12
CA LEU A 282 -29.00 -4.70 5.72
C LEU A 282 -30.26 -4.04 6.24
N SER A 283 -30.12 -2.89 6.89
CA SER A 283 -31.28 -2.17 7.39
C SER A 283 -32.17 -1.72 6.23
N GLN A 284 -31.57 -1.22 5.15
CA GLN A 284 -32.37 -0.76 4.02
C GLN A 284 -33.03 -1.92 3.28
N HIS A 285 -32.32 -3.03 3.10
CA HIS A 285 -32.77 -4.13 2.26
C HIS A 285 -33.45 -5.23 3.05
N GLY A 286 -33.18 -5.35 4.34
CA GLY A 286 -33.75 -6.40 5.15
C GLY A 286 -32.89 -7.64 5.16
N VAL A 287 -33.38 -8.67 5.86
CA VAL A 287 -32.61 -9.89 6.04
C VAL A 287 -32.29 -10.49 4.68
N PHE A 288 -31.06 -10.95 4.52
CA PHE A 288 -30.63 -11.60 3.29
C PHE A 288 -31.09 -13.06 3.28
N SER A 289 -30.97 -13.68 2.11
CA SER A 289 -31.27 -15.10 1.97
C SER A 289 -29.98 -15.91 1.87
N GLU A 290 -30.12 -17.21 2.10
CA GLU A 290 -28.95 -18.10 2.12
C GLU A 290 -28.10 -18.00 0.86
N PRO A 291 -28.66 -18.09 -0.35
CA PRO A 291 -27.82 -17.90 -1.55
C PRO A 291 -27.17 -16.53 -1.62
N ASP A 292 -27.82 -15.50 -1.07
CA ASP A 292 -27.17 -14.18 -1.02
C ASP A 292 -26.05 -14.17 0.00
N MET A 293 -26.26 -14.79 1.16
CA MET A 293 -25.24 -14.73 2.20
C MET A 293 -24.07 -15.66 1.88
N ILE A 294 -24.25 -16.58 0.93
CA ILE A 294 -23.12 -17.38 0.47
C ILE A 294 -21.97 -16.49 0.04
N PHE A 295 -22.29 -15.46 -0.74
CA PHE A 295 -21.28 -14.56 -1.29
C PHE A 295 -20.51 -13.86 -0.18
N TYR A 296 -21.23 -13.25 0.77
CA TYR A 296 -20.59 -12.52 1.84
C TYR A 296 -19.78 -13.46 2.73
N ALA A 297 -20.32 -14.63 3.05
CA ALA A 297 -19.59 -15.57 3.89
C ALA A 297 -18.30 -16.02 3.24
N ALA A 298 -18.34 -16.33 1.93
CA ALA A 298 -17.13 -16.75 1.25
C ALA A 298 -16.09 -15.65 1.25
N GLU A 299 -16.49 -14.42 0.91
CA GLU A 299 -15.54 -13.33 0.85
C GLU A 299 -14.93 -13.06 2.22
N ILE A 300 -15.75 -13.04 3.27
CA ILE A 300 -15.26 -12.77 4.60
C ILE A 300 -14.36 -13.90 5.09
N ILE A 301 -14.67 -15.14 4.71
CA ILE A 301 -13.81 -16.26 5.07
C ILE A 301 -12.44 -16.10 4.44
N LEU A 302 -12.39 -15.71 3.16
CA LEU A 302 -11.10 -15.48 2.54
C LEU A 302 -10.34 -14.34 3.22
N GLY A 303 -11.04 -13.26 3.58
CA GLY A 303 -10.38 -12.17 4.29
C GLY A 303 -9.80 -12.62 5.62
N LEU A 304 -10.59 -13.38 6.40
CA LEU A 304 -10.10 -13.88 7.69
C LEU A 304 -8.91 -14.81 7.49
N GLU A 305 -8.93 -15.62 6.42
CA GLU A 305 -7.81 -16.48 6.13
C GLU A 305 -6.55 -15.65 5.86
N HIS A 306 -6.70 -14.58 5.08
CA HIS A 306 -5.55 -13.71 4.84
C HIS A 306 -5.03 -13.11 6.14
N MET A 307 -5.93 -12.66 7.01
CA MET A 307 -5.50 -12.09 8.29
C MET A 307 -4.89 -13.14 9.20
N HIS A 308 -5.50 -14.32 9.28
CA HIS A 308 -4.99 -15.35 10.18
C HIS A 308 -3.65 -15.89 9.73
N ASN A 309 -3.42 -15.96 8.41
CA ASN A 309 -2.12 -16.40 7.93
C ASN A 309 -0.99 -15.52 8.44
N ARG A 310 -1.29 -14.26 8.75
CA ARG A 310 -0.33 -13.34 9.33
C ARG A 310 -0.40 -13.30 10.84
N PHE A 311 -1.21 -14.17 11.46
CA PHE A 311 -1.33 -14.28 12.90
C PHE A 311 -2.00 -13.06 13.53
N VAL A 312 -2.86 -12.38 12.78
CA VAL A 312 -3.65 -11.28 13.30
C VAL A 312 -5.06 -11.79 13.56
N VAL A 313 -5.56 -11.53 14.77
CA VAL A 313 -6.91 -11.95 15.17
C VAL A 313 -7.82 -10.74 15.08
N TYR A 314 -8.89 -10.86 14.30
CA TYR A 314 -9.85 -9.77 14.10
C TYR A 314 -10.97 -9.93 15.11
N ARG A 315 -10.83 -9.22 16.23
CA ARG A 315 -11.68 -9.48 17.37
C ARG A 315 -13.09 -8.93 17.19
N ASP A 316 -13.19 -7.76 16.52
CA ASP A 316 -14.49 -7.11 16.28
C ASP A 316 -14.95 -7.41 14.87
N LEU A 317 -15.69 -8.49 14.63
CA LEU A 317 -16.27 -8.83 13.34
C LEU A 317 -17.78 -8.64 13.42
N LYS A 318 -18.28 -7.61 12.77
CA LYS A 318 -19.69 -7.27 12.74
C LYS A 318 -20.09 -6.98 11.29
N PRO A 319 -21.39 -7.03 10.98
CA PRO A 319 -21.82 -6.54 9.66
C PRO A 319 -21.46 -5.07 9.45
N ALA A 320 -21.42 -4.28 10.52
CA ALA A 320 -21.09 -2.87 10.36
C ALA A 320 -19.66 -2.67 9.88
N ASN A 321 -18.76 -3.60 10.18
CA ASN A 321 -17.37 -3.49 9.79
C ASN A 321 -17.09 -4.00 8.39
N ILE A 322 -18.11 -4.50 7.69
CA ILE A 322 -17.95 -5.05 6.35
C ILE A 322 -18.42 -4.00 5.36
N LEU A 323 -17.52 -3.56 4.49
CA LEU A 323 -17.78 -2.46 3.58
C LEU A 323 -17.96 -2.97 2.16
N LEU A 324 -19.01 -2.52 1.49
CA LEU A 324 -19.28 -2.88 0.11
C LEU A 324 -18.60 -1.89 -0.82
N ASP A 325 -17.86 -2.41 -1.79
CA ASP A 325 -17.23 -1.55 -2.79
C ASP A 325 -18.28 -1.07 -3.79
N GLU A 326 -17.80 -0.43 -4.86
CA GLU A 326 -18.71 0.12 -5.85
C GLU A 326 -19.57 -0.97 -6.48
N HIS A 327 -18.95 -2.11 -6.82
CA HIS A 327 -19.66 -3.18 -7.50
C HIS A 327 -20.38 -4.13 -6.56
N GLY A 328 -20.20 -3.99 -5.25
CA GLY A 328 -20.88 -4.82 -4.28
C GLY A 328 -20.03 -5.84 -3.56
N HIS A 329 -18.75 -5.96 -3.92
CA HIS A 329 -17.86 -6.88 -3.22
C HIS A 329 -17.44 -6.29 -1.88
N VAL A 330 -17.35 -7.15 -0.87
CA VAL A 330 -17.17 -6.73 0.52
C VAL A 330 -15.70 -6.75 0.88
N ARG A 331 -15.35 -5.99 1.92
CA ARG A 331 -14.01 -5.96 2.48
C ARG A 331 -14.09 -5.73 3.98
N ILE A 332 -13.12 -6.26 4.72
CA ILE A 332 -13.03 -6.01 6.15
C ILE A 332 -12.27 -4.71 6.38
N SER A 333 -12.81 -3.85 7.24
CA SER A 333 -12.39 -2.46 7.31
C SER A 333 -11.68 -2.10 8.60
N ASP A 334 -12.31 -2.30 9.76
CA ASP A 334 -11.86 -1.68 11.01
C ASP A 334 -10.93 -2.63 11.76
N LEU A 335 -9.62 -2.37 11.65
CA LEU A 335 -8.61 -3.11 12.40
C LEU A 335 -8.25 -2.44 13.72
N GLY A 336 -9.16 -1.69 14.32
CA GLY A 336 -8.85 -1.00 15.55
C GLY A 336 -8.54 -1.94 16.69
N LEU A 337 -9.37 -2.98 16.84
CA LEU A 337 -9.23 -3.92 17.95
C LEU A 337 -8.45 -5.18 17.57
N ALA A 338 -7.95 -5.28 16.34
CA ALA A 338 -7.21 -6.46 15.94
C ALA A 338 -5.94 -6.59 16.77
N CYS A 339 -5.51 -7.83 16.98
CA CYS A 339 -4.34 -8.13 17.78
C CYS A 339 -3.54 -9.24 17.13
N ASP A 340 -2.30 -9.38 17.56
CA ASP A 340 -1.40 -10.42 17.07
C ASP A 340 -1.23 -11.46 18.17
N PHE A 341 -1.43 -12.73 17.83
CA PHE A 341 -1.33 -13.84 18.77
C PHE A 341 -0.12 -14.72 18.53
N SER A 342 0.78 -14.33 17.63
CA SER A 342 1.97 -15.16 17.38
C SER A 342 2.92 -15.14 18.56
N LYS A 343 3.15 -13.96 19.14
CA LYS A 343 4.06 -13.86 20.28
C LYS A 343 3.41 -14.42 21.55
N LYS A 344 2.21 -13.94 21.87
CA LYS A 344 1.47 -14.47 23.00
C LYS A 344 -0.02 -14.27 22.74
N LYS A 345 -0.80 -15.27 23.14
CA LYS A 345 -2.24 -15.24 22.88
C LYS A 345 -2.91 -14.21 23.78
N PRO A 346 -3.72 -13.31 23.24
CA PRO A 346 -4.38 -12.30 24.08
C PRO A 346 -5.31 -12.93 25.11
N HIS A 347 -5.71 -12.12 26.09
CA HIS A 347 -6.66 -12.56 27.10
C HIS A 347 -7.69 -11.50 27.46
N ALA A 348 -7.72 -10.37 26.78
CA ALA A 348 -8.66 -9.30 27.12
C ALA A 348 -10.00 -9.53 26.42
N SER A 349 -11.08 -9.20 27.12
CA SER A 349 -12.43 -9.32 26.56
C SER A 349 -12.74 -8.07 25.73
N VAL A 350 -12.24 -8.09 24.50
CA VAL A 350 -12.42 -7.00 23.55
C VAL A 350 -13.29 -7.47 22.40
N GLY A 351 -14.30 -6.68 22.09
CA GLY A 351 -15.21 -7.01 21.00
C GLY A 351 -16.49 -6.19 21.11
N THR A 352 -17.57 -6.77 20.59
CA THR A 352 -18.90 -6.17 20.70
C THR A 352 -19.87 -7.21 21.24
N HIS A 353 -20.64 -6.84 22.25
CA HIS A 353 -21.55 -7.79 22.88
C HIS A 353 -22.49 -8.38 21.86
N GLY A 354 -22.66 -9.70 21.92
CA GLY A 354 -23.42 -10.44 20.93
C GLY A 354 -22.59 -11.08 19.85
N TYR A 355 -21.34 -10.65 19.67
CA TYR A 355 -20.45 -11.23 18.67
C TYR A 355 -19.12 -11.68 19.24
N MET A 356 -18.96 -11.71 20.56
CA MET A 356 -17.70 -12.10 21.17
C MET A 356 -17.70 -13.58 21.49
N ALA A 357 -16.55 -14.22 21.27
CA ALA A 357 -16.43 -15.64 21.54
C ALA A 357 -16.51 -15.91 23.04
N PRO A 358 -16.96 -17.09 23.45
CA PRO A 358 -17.04 -17.37 24.89
C PRO A 358 -15.70 -17.25 25.59
N GLU A 359 -14.61 -17.66 24.95
CA GLU A 359 -13.30 -17.51 25.58
C GLU A 359 -12.84 -16.06 25.59
N VAL A 360 -13.27 -15.25 24.62
CA VAL A 360 -13.00 -13.82 24.69
C VAL A 360 -13.76 -13.19 25.85
N LEU A 361 -15.02 -13.56 26.01
CA LEU A 361 -15.83 -13.00 27.09
C LEU A 361 -15.42 -13.52 28.46
N GLN A 362 -14.88 -14.73 28.52
CA GLN A 362 -14.35 -15.25 29.78
C GLN A 362 -13.12 -14.44 30.18
N LYS A 363 -13.00 -14.19 31.49
CA LYS A 363 -11.92 -13.34 31.98
C LYS A 363 -10.67 -14.16 32.29
N GLY A 364 -9.53 -13.71 31.76
CA GLY A 364 -8.26 -14.30 32.08
C GLY A 364 -7.82 -15.41 31.15
N VAL A 365 -8.78 -16.10 30.54
CA VAL A 365 -8.45 -17.23 29.67
C VAL A 365 -7.98 -16.72 28.31
N ALA A 366 -6.82 -17.19 27.87
CA ALA A 366 -6.24 -16.76 26.61
C ALA A 366 -7.02 -17.32 25.43
N TYR A 367 -6.90 -16.65 24.29
CA TYR A 367 -7.61 -17.08 23.09
C TYR A 367 -6.78 -16.74 21.86
N ASP A 368 -7.11 -17.41 20.76
CA ASP A 368 -6.37 -17.30 19.51
C ASP A 368 -7.37 -16.93 18.41
N SER A 369 -6.93 -17.04 17.16
CA SER A 369 -7.77 -16.74 16.01
C SER A 369 -9.11 -17.47 16.08
N SER A 370 -9.20 -18.49 16.94
CA SER A 370 -10.47 -19.15 17.20
C SER A 370 -11.61 -18.18 17.46
N ALA A 371 -11.31 -16.98 17.98
CA ALA A 371 -12.37 -16.02 18.28
C ALA A 371 -13.09 -15.58 17.01
N ASP A 372 -12.34 -15.39 15.91
CA ASP A 372 -12.95 -14.84 14.70
C ASP A 372 -14.00 -15.76 14.11
N TRP A 373 -13.90 -17.08 14.34
CA TRP A 373 -14.89 -17.98 13.75
C TRP A 373 -16.22 -17.91 14.50
N PHE A 374 -16.20 -17.78 15.81
CA PHE A 374 -17.44 -17.57 16.55
C PHE A 374 -18.11 -16.28 16.12
N SER A 375 -17.32 -15.22 15.97
CA SER A 375 -17.86 -13.95 15.51
C SER A 375 -18.38 -14.06 14.08
N LEU A 376 -17.73 -14.85 13.23
CA LEU A 376 -18.22 -15.07 11.88
C LEU A 376 -19.58 -15.76 11.92
N GLY A 377 -19.72 -16.76 12.78
CA GLY A 377 -21.01 -17.42 12.91
C GLY A 377 -22.09 -16.45 13.37
N CYS A 378 -21.78 -15.65 14.38
CA CYS A 378 -22.75 -14.68 14.87
C CYS A 378 -23.11 -13.67 13.78
N MET A 379 -22.13 -13.22 13.01
CA MET A 379 -22.38 -12.25 11.95
C MET A 379 -23.27 -12.84 10.86
N LEU A 380 -22.94 -14.06 10.40
CA LEU A 380 -23.76 -14.70 9.40
C LEU A 380 -25.18 -14.91 9.90
N PHE A 381 -25.33 -15.22 11.19
CA PHE A 381 -26.66 -15.35 11.75
C PHE A 381 -27.44 -14.05 11.66
N LYS A 382 -26.77 -12.92 11.93
CA LYS A 382 -27.45 -11.63 11.86
C LYS A 382 -27.93 -11.32 10.45
N LEU A 383 -27.09 -11.59 9.44
CA LEU A 383 -27.47 -11.27 8.07
C LEU A 383 -28.75 -11.99 7.67
N LEU A 384 -29.06 -13.12 8.31
CA LEU A 384 -30.24 -13.89 7.98
C LEU A 384 -31.41 -13.64 8.92
N ARG A 385 -31.17 -12.97 10.05
CA ARG A 385 -32.21 -12.78 11.07
C ARG A 385 -32.34 -11.35 11.56
N GLY A 386 -31.39 -10.47 11.26
CA GLY A 386 -31.46 -9.09 11.72
C GLY A 386 -31.00 -8.88 13.14
N HIS A 387 -30.56 -9.91 13.83
CA HIS A 387 -30.04 -9.77 15.19
C HIS A 387 -29.13 -10.95 15.48
N SER A 388 -28.31 -10.78 16.52
CA SER A 388 -27.36 -11.81 16.89
C SER A 388 -28.10 -13.04 17.42
N PRO A 389 -27.44 -14.20 17.45
CA PRO A 389 -28.10 -15.39 18.00
C PRO A 389 -28.62 -15.17 19.40
N PHE A 390 -27.95 -14.32 20.16
CA PHE A 390 -28.39 -13.91 21.47
C PHE A 390 -29.10 -12.57 21.38
N ARG A 391 -29.88 -12.26 22.42
CA ARG A 391 -30.75 -11.09 22.39
C ARG A 391 -30.00 -9.85 21.90
N GLN A 392 -30.74 -8.96 21.24
CA GLN A 392 -30.16 -7.71 20.76
C GLN A 392 -30.13 -6.67 21.89
N HIS A 393 -29.58 -5.50 21.58
CA HIS A 393 -29.46 -4.45 22.58
C HIS A 393 -30.84 -3.99 23.07
N LYS A 394 -31.80 -3.81 22.17
CA LYS A 394 -33.13 -3.37 22.55
C LYS A 394 -33.96 -4.48 23.16
N THR A 395 -33.53 -5.74 23.04
CA THR A 395 -34.27 -6.87 23.56
C THR A 395 -33.80 -7.32 24.95
N LYS A 396 -32.55 -7.05 25.31
CA LYS A 396 -32.02 -7.49 26.59
C LYS A 396 -30.88 -6.59 27.01
N ASP A 397 -30.54 -6.66 28.30
CA ASP A 397 -29.41 -5.90 28.82
C ASP A 397 -28.09 -6.47 28.31
N LYS A 398 -27.05 -5.64 28.37
CA LYS A 398 -25.75 -6.07 27.84
C LYS A 398 -25.28 -7.36 28.49
N HIS A 399 -25.38 -7.45 29.81
CA HIS A 399 -24.96 -8.66 30.51
C HIS A 399 -25.93 -9.82 30.31
N GLU A 400 -27.18 -9.54 29.94
CA GLU A 400 -28.08 -10.62 29.57
C GLU A 400 -27.65 -11.26 28.25
N ILE A 401 -27.10 -10.46 27.35
CA ILE A 401 -26.51 -11.02 26.12
C ILE A 401 -25.30 -11.86 26.46
N ASP A 402 -24.55 -11.46 27.49
CA ASP A 402 -23.35 -12.18 27.89
C ASP A 402 -23.65 -13.58 28.40
N ARG A 403 -24.91 -13.91 28.68
CA ARG A 403 -25.28 -15.26 29.07
C ARG A 403 -25.03 -16.24 27.93
N MET A 404 -24.60 -15.74 26.78
CA MET A 404 -24.10 -16.61 25.72
C MET A 404 -23.11 -17.63 26.24
N THR A 405 -22.43 -17.32 27.35
CA THR A 405 -21.53 -18.27 27.99
C THR A 405 -22.27 -19.33 28.79
N LEU A 406 -23.59 -19.21 28.94
CA LEU A 406 -24.38 -20.17 29.71
C LEU A 406 -25.58 -20.68 28.93
N THR A 407 -25.40 -20.99 27.65
CA THR A 407 -26.49 -21.51 26.82
C THR A 407 -25.89 -22.04 25.53
N MET A 408 -26.77 -22.41 24.60
CA MET A 408 -26.37 -22.90 23.28
C MET A 408 -27.22 -22.21 22.23
N ALA A 409 -26.64 -22.05 21.04
CA ALA A 409 -27.31 -21.30 19.98
C ALA A 409 -28.63 -21.97 19.61
N VAL A 410 -29.63 -21.14 19.27
CA VAL A 410 -30.96 -21.65 18.96
C VAL A 410 -30.95 -22.52 17.70
N GLU A 411 -30.27 -22.09 16.65
CA GLU A 411 -30.15 -22.89 15.43
C GLU A 411 -31.53 -23.20 14.85
N LEU A 412 -32.19 -22.15 14.37
CA LEU A 412 -33.59 -22.27 13.95
C LEU A 412 -33.72 -23.33 12.86
N PRO A 413 -34.81 -24.11 12.86
CA PRO A 413 -35.01 -25.07 11.76
C PRO A 413 -35.70 -24.46 10.55
N ASP A 414 -36.32 -23.30 10.70
CA ASP A 414 -37.17 -22.75 9.64
C ASP A 414 -36.35 -22.04 8.57
N SER A 415 -35.64 -20.98 8.96
CA SER A 415 -34.99 -20.11 7.99
C SER A 415 -33.65 -20.64 7.52
N PHE A 416 -33.19 -21.78 8.01
CA PHE A 416 -31.89 -22.34 7.68
C PHE A 416 -32.05 -23.71 7.05
N SER A 417 -31.25 -23.96 6.01
CA SER A 417 -31.17 -25.28 5.43
C SER A 417 -30.32 -26.19 6.32
N PRO A 418 -30.47 -27.51 6.19
CA PRO A 418 -29.65 -28.40 7.03
C PRO A 418 -28.16 -28.14 6.92
N GLU A 419 -27.66 -27.82 5.72
CA GLU A 419 -26.25 -27.51 5.57
C GLU A 419 -25.88 -26.27 6.39
N LEU A 420 -26.71 -25.23 6.33
CA LEU A 420 -26.45 -24.03 7.11
C LEU A 420 -26.60 -24.31 8.60
N ARG A 421 -27.54 -25.18 8.98
CA ARG A 421 -27.66 -25.54 10.39
C ARG A 421 -26.37 -26.21 10.87
N SER A 422 -25.80 -27.11 10.08
CA SER A 422 -24.54 -27.72 10.44
C SER A 422 -23.42 -26.68 10.52
N LEU A 423 -23.35 -25.78 9.54
CA LEU A 423 -22.30 -24.76 9.55
C LEU A 423 -22.38 -23.91 10.82
N LEU A 424 -23.57 -23.40 11.14
CA LEU A 424 -23.71 -22.53 12.30
C LEU A 424 -23.50 -23.30 13.60
N GLU A 425 -23.94 -24.56 13.64
CA GLU A 425 -23.65 -25.40 14.79
C GLU A 425 -22.16 -25.56 15.01
N GLY A 426 -21.40 -25.70 13.92
CA GLY A 426 -19.95 -25.77 14.02
C GLY A 426 -19.31 -24.46 14.45
N LEU A 427 -19.80 -23.34 13.91
CA LEU A 427 -19.18 -22.05 14.19
C LEU A 427 -19.54 -21.52 15.57
N LEU A 428 -20.70 -21.89 16.11
CA LEU A 428 -21.14 -21.40 17.40
C LEU A 428 -20.90 -22.41 18.53
N GLN A 429 -19.94 -23.30 18.36
CA GLN A 429 -19.63 -24.26 19.42
C GLN A 429 -19.07 -23.56 20.64
N ARG A 430 -19.51 -23.99 21.81
CA ARG A 430 -18.99 -23.40 23.05
C ARG A 430 -17.55 -23.80 23.29
N ASP A 431 -17.21 -25.05 23.00
CA ASP A 431 -15.85 -25.55 23.25
C ASP A 431 -14.95 -25.17 22.08
N VAL A 432 -13.84 -24.49 22.39
CA VAL A 432 -12.94 -24.04 21.34
C VAL A 432 -12.32 -25.23 20.61
N ASN A 433 -11.91 -26.26 21.37
CA ASN A 433 -11.25 -27.40 20.75
C ASN A 433 -12.16 -28.09 19.73
N ARG A 434 -13.47 -28.02 19.93
CA ARG A 434 -14.43 -28.66 19.03
C ARG A 434 -14.98 -27.70 17.98
N ARG A 435 -14.86 -26.40 18.20
CA ARG A 435 -15.44 -25.43 17.28
C ARG A 435 -14.82 -25.53 15.89
N LEU A 436 -15.65 -25.31 14.88
CA LEU A 436 -15.19 -25.34 13.50
C LEU A 436 -14.20 -24.21 13.26
N GLY A 437 -13.11 -24.53 12.56
CA GLY A 437 -12.10 -23.55 12.24
C GLY A 437 -11.07 -23.38 13.34
N CYS A 438 -11.36 -23.90 14.52
CA CYS A 438 -10.45 -23.86 15.66
C CYS A 438 -9.62 -25.12 15.78
N LEU A 439 -9.74 -26.04 14.82
CA LEU A 439 -8.98 -27.28 14.83
C LEU A 439 -8.49 -27.57 13.42
N GLY A 440 -7.39 -28.29 13.33
CA GLY A 440 -6.85 -28.64 12.02
C GLY A 440 -6.27 -27.44 11.32
N ARG A 441 -6.49 -27.36 10.01
CA ARG A 441 -5.89 -26.31 9.19
C ARG A 441 -6.51 -24.94 9.42
N GLY A 442 -7.69 -24.86 10.02
CA GLY A 442 -8.31 -23.58 10.30
C GLY A 442 -9.29 -23.14 9.24
N ALA A 443 -8.86 -22.23 8.36
CA ALA A 443 -9.75 -21.72 7.32
C ALA A 443 -10.23 -22.84 6.40
N GLN A 444 -9.39 -23.84 6.15
CA GLN A 444 -9.80 -24.94 5.29
C GLN A 444 -10.99 -25.70 5.88
N GLU A 445 -11.01 -25.88 7.19
CA GLU A 445 -12.10 -26.62 7.81
C GLU A 445 -13.45 -25.99 7.51
N VAL A 446 -13.50 -24.67 7.37
CA VAL A 446 -14.74 -23.97 7.02
C VAL A 446 -14.94 -23.95 5.51
N LYS A 447 -13.88 -23.66 4.76
CA LYS A 447 -14.00 -23.53 3.32
C LYS A 447 -14.53 -24.82 2.69
N GLU A 448 -14.19 -25.96 3.28
CA GLU A 448 -14.62 -27.26 2.79
C GLU A 448 -15.96 -27.69 3.38
N SER A 449 -16.61 -26.84 4.16
CA SER A 449 -17.87 -27.22 4.79
C SER A 449 -18.94 -27.47 3.73
N PRO A 450 -19.94 -28.30 4.02
CA PRO A 450 -20.96 -28.60 3.01
C PRO A 450 -21.67 -27.36 2.48
N PHE A 451 -21.85 -26.33 3.31
CA PHE A 451 -22.57 -25.14 2.87
C PHE A 451 -21.87 -24.48 1.68
N PHE A 452 -20.57 -24.68 1.54
CA PHE A 452 -19.81 -24.15 0.42
C PHE A 452 -19.41 -25.22 -0.58
N ARG A 453 -20.09 -26.37 -0.57
CA ARG A 453 -19.72 -27.47 -1.46
C ARG A 453 -19.86 -27.07 -2.93
N ASP A 454 -20.87 -26.28 -3.25
CA ASP A 454 -21.13 -25.86 -4.63
C ASP A 454 -20.18 -24.75 -5.08
N LEU A 455 -19.51 -24.09 -4.16
CA LEU A 455 -18.76 -22.88 -4.43
C LEU A 455 -17.34 -23.23 -4.88
N ASP A 456 -16.86 -22.54 -5.90
CA ASP A 456 -15.49 -22.69 -6.38
C ASP A 456 -14.66 -21.52 -5.83
N TRP A 457 -13.76 -21.82 -4.91
CA TRP A 457 -13.05 -20.76 -4.19
C TRP A 457 -12.10 -19.97 -5.08
N GLN A 458 -11.61 -20.56 -6.17
CA GLN A 458 -10.77 -19.80 -7.08
C GLN A 458 -11.54 -18.66 -7.70
N MET A 459 -12.81 -18.89 -8.05
CA MET A 459 -13.62 -17.81 -8.58
C MET A 459 -13.97 -16.79 -7.50
N VAL A 460 -14.07 -17.24 -6.25
CA VAL A 460 -14.29 -16.30 -5.14
C VAL A 460 -13.10 -15.34 -5.03
N PHE A 461 -11.88 -15.89 -5.04
CA PHE A 461 -10.70 -15.04 -4.97
C PHE A 461 -10.64 -14.10 -6.17
N LEU A 462 -10.93 -14.62 -7.37
CA LEU A 462 -10.97 -13.79 -8.56
C LEU A 462 -12.18 -12.85 -8.58
N GLN A 463 -13.15 -13.06 -7.69
CA GLN A 463 -14.32 -12.20 -7.60
C GLN A 463 -15.11 -12.21 -8.91
N LYS A 464 -15.43 -13.41 -9.38
CA LYS A 464 -16.21 -13.54 -10.60
C LYS A 464 -17.71 -13.62 -10.32
N TYR A 465 -18.09 -14.01 -9.11
CA TYR A 465 -19.50 -14.19 -8.80
C TYR A 465 -20.21 -12.84 -8.80
N PRO A 466 -21.50 -12.80 -9.12
CA PRO A 466 -22.24 -11.53 -9.08
C PRO A 466 -22.70 -11.22 -7.67
N PRO A 467 -22.38 -10.02 -7.16
CA PRO A 467 -22.81 -9.68 -5.80
C PRO A 467 -24.32 -9.70 -5.69
N PRO A 468 -24.86 -10.14 -4.56
CA PRO A 468 -26.32 -10.08 -4.38
C PRO A 468 -26.86 -8.66 -4.40
N LEU A 469 -26.10 -7.70 -3.91
CA LEU A 469 -26.56 -6.32 -3.78
C LEU A 469 -25.54 -5.38 -4.41
N ILE A 470 -26.03 -4.47 -5.26
CA ILE A 470 -25.19 -3.45 -5.88
C ILE A 470 -25.60 -2.10 -5.27
N PRO A 471 -24.73 -1.43 -4.53
CA PRO A 471 -25.13 -0.18 -3.88
C PRO A 471 -25.58 0.85 -4.89
N PRO A 472 -26.54 1.71 -4.54
CA PRO A 472 -26.94 2.77 -5.47
C PRO A 472 -25.77 3.66 -5.86
N ARG A 473 -25.73 4.06 -7.12
CA ARG A 473 -24.64 4.89 -7.62
C ARG A 473 -24.88 6.38 -7.43
N GLY A 474 -26.12 6.77 -7.09
CA GLY A 474 -26.47 8.17 -6.94
C GLY A 474 -26.60 8.65 -5.51
N GLU A 475 -26.07 7.92 -4.54
CA GLU A 475 -26.19 8.29 -3.14
C GLU A 475 -24.85 8.09 -2.45
N VAL A 476 -24.73 8.67 -1.25
CA VAL A 476 -23.49 8.53 -0.48
C VAL A 476 -23.43 7.18 0.22
N ASN A 477 -24.57 6.54 0.44
CA ASN A 477 -24.63 5.25 1.13
C ASN A 477 -24.07 5.36 2.55
N ALA A 478 -24.47 6.42 3.25
CA ALA A 478 -24.07 6.63 4.63
C ALA A 478 -25.10 7.52 5.30
N ALA A 479 -25.07 7.55 6.63
CA ALA A 479 -25.99 8.40 7.38
C ALA A 479 -25.66 9.86 7.12
N ASP A 480 -26.66 10.71 7.32
CA ASP A 480 -26.48 12.14 7.12
C ASP A 480 -25.40 12.67 8.05
N ALA A 481 -24.62 13.63 7.55
CA ALA A 481 -23.55 14.20 8.36
C ALA A 481 -24.08 14.78 9.66
N PHE A 482 -25.35 15.19 9.67
CA PHE A 482 -25.97 15.64 10.91
C PHE A 482 -26.19 14.49 11.87
N ASP A 483 -26.61 13.32 11.36
CA ASP A 483 -26.79 12.15 12.21
C ASP A 483 -25.47 11.64 12.76
N ILE A 484 -24.43 11.58 11.91
CA ILE A 484 -23.13 11.10 12.37
C ILE A 484 -22.63 11.98 13.51
N GLY A 485 -22.78 13.29 13.38
CA GLY A 485 -22.41 14.17 14.46
C GLY A 485 -20.91 14.34 14.60
N SER A 486 -20.50 14.80 15.78
CA SER A 486 -19.10 15.04 16.08
C SER A 486 -18.88 14.92 17.58
N PHE A 487 -17.63 14.66 17.95
CA PHE A 487 -17.29 14.57 19.37
C PHE A 487 -17.34 15.94 20.02
N ASP A 488 -17.60 15.95 21.33
CA ASP A 488 -17.68 17.19 22.08
C ASP A 488 -16.28 17.76 22.28
N GLU A 489 -16.04 18.96 21.74
CA GLU A 489 -14.73 19.58 21.88
C GLU A 489 -14.44 19.92 23.34
N GLU A 490 -15.48 20.14 24.15
CA GLU A 490 -15.26 20.46 25.55
C GLU A 490 -14.65 19.30 26.32
N ASP A 491 -14.89 18.06 25.85
CA ASP A 491 -14.36 16.90 26.56
C ASP A 491 -12.84 16.91 26.62
N THR A 492 -12.20 17.53 25.63
CA THR A 492 -10.74 17.59 25.58
C THR A 492 -10.16 18.75 26.37
N LYS A 493 -10.99 19.65 26.89
CA LYS A 493 -10.48 20.75 27.69
C LYS A 493 -9.76 20.20 28.92
N GLY A 494 -8.63 20.82 29.26
CA GLY A 494 -7.76 20.34 30.31
C GLY A 494 -6.72 19.34 29.86
N ILE A 495 -6.76 18.91 28.61
CA ILE A 495 -5.76 17.97 28.09
C ILE A 495 -4.71 18.76 27.32
N LYS A 496 -3.44 18.55 27.69
CA LYS A 496 -2.32 19.21 27.04
C LYS A 496 -1.32 18.16 26.58
N LEU A 497 -0.81 18.33 25.37
CA LEU A 497 0.10 17.37 24.76
C LEU A 497 1.53 17.83 25.00
N LEU A 498 2.26 17.10 25.83
CA LEU A 498 3.64 17.43 26.13
C LEU A 498 4.55 16.96 24.99
N ASP A 499 5.78 17.50 24.98
CA ASP A 499 6.77 17.04 24.03
C ASP A 499 7.04 15.54 24.22
N SER A 500 6.94 15.07 25.46
CA SER A 500 7.11 13.64 25.72
C SER A 500 5.95 12.83 25.13
N ASP A 501 4.81 13.46 24.86
CA ASP A 501 3.71 12.78 24.21
C ASP A 501 3.85 12.76 22.69
N GLN A 502 4.26 13.89 22.10
CA GLN A 502 4.51 13.90 20.67
C GLN A 502 5.65 12.98 20.28
N GLU A 503 6.48 12.60 21.26
CA GLU A 503 7.58 11.67 20.99
C GLU A 503 7.08 10.25 20.78
N LEU A 504 5.89 9.91 21.27
CA LEU A 504 5.33 8.58 21.02
C LEU A 504 5.09 8.36 19.54
N TYR A 505 4.82 9.43 18.79
CA TYR A 505 4.52 9.35 17.38
C TYR A 505 5.67 9.84 16.50
N ARG A 506 6.91 9.77 17.00
CA ARG A 506 8.04 10.22 16.20
C ARG A 506 8.18 9.39 14.93
N ASN A 507 8.03 8.07 15.04
CA ASN A 507 8.18 7.16 13.92
C ASN A 507 6.85 6.78 13.28
N PHE A 508 5.77 7.46 13.65
CA PHE A 508 4.45 7.08 13.15
C PHE A 508 4.35 7.17 11.64
N PRO A 509 4.72 8.26 10.97
CA PRO A 509 4.40 8.40 9.55
C PRO A 509 4.99 7.27 8.72
N LEU A 510 4.24 6.85 7.71
CA LEU A 510 4.60 5.68 6.92
C LEU A 510 3.99 5.82 5.53
N THR A 511 4.68 5.25 4.55
CA THR A 511 4.18 5.12 3.19
C THR A 511 4.55 3.75 2.66
N ILE A 512 3.60 3.09 2.00
CA ILE A 512 3.78 1.73 1.50
C ILE A 512 4.13 1.82 0.03
N SER A 513 5.27 1.26 -0.34
CA SER A 513 5.84 1.50 -1.67
C SER A 513 4.93 0.97 -2.77
N GLU A 514 4.49 -0.28 -2.65
CA GLU A 514 3.70 -0.87 -3.74
C GLU A 514 2.39 -0.13 -3.94
N ARG A 515 1.78 0.37 -2.85
CA ARG A 515 0.47 1.02 -2.93
C ARG A 515 0.63 2.35 -3.64
N TRP A 516 1.67 3.12 -3.29
CA TRP A 516 1.92 4.39 -3.94
C TRP A 516 2.29 4.21 -5.40
N GLN A 517 3.13 3.21 -5.69
CA GLN A 517 3.54 2.96 -7.08
C GLN A 517 2.35 2.56 -7.93
N GLN A 518 1.46 1.72 -7.40
CA GLN A 518 0.25 1.36 -8.13
C GLN A 518 -0.61 2.58 -8.39
N GLU A 519 -0.79 3.42 -7.38
CA GLU A 519 -1.60 4.63 -7.56
C GLU A 519 -1.00 5.49 -8.68
N VAL A 520 0.31 5.73 -8.63
CA VAL A 520 0.94 6.58 -9.64
C VAL A 520 0.82 5.95 -11.02
N ALA A 521 1.03 4.64 -11.12
CA ALA A 521 0.92 3.97 -12.42
C ALA A 521 -0.48 4.13 -12.99
N GLU A 522 -1.50 3.95 -12.15
CA GLU A 522 -2.87 4.10 -12.63
C GLU A 522 -3.16 5.53 -13.08
N THR A 523 -2.69 6.52 -12.32
CA THR A 523 -3.21 7.87 -12.46
C THR A 523 -2.37 8.77 -13.37
N VAL A 524 -1.11 9.02 -13.00
CA VAL A 524 -0.38 10.14 -13.60
C VAL A 524 1.02 9.75 -14.08
N PHE A 525 1.29 8.46 -14.26
CA PHE A 525 2.63 8.06 -14.66
C PHE A 525 2.97 8.58 -16.05
N ASP A 526 2.10 8.33 -17.03
CA ASP A 526 2.40 8.68 -18.41
C ASP A 526 2.43 10.19 -18.61
N THR A 527 1.46 10.90 -18.03
CA THR A 527 1.41 12.35 -18.18
C THR A 527 2.66 13.00 -17.62
N ILE A 528 3.02 12.61 -16.40
CA ILE A 528 4.19 13.20 -15.78
C ILE A 528 5.34 12.83 -16.68
N ASN A 529 5.54 11.57 -17.07
CA ASN A 529 6.70 11.17 -17.86
C ASN A 529 6.83 12.03 -19.12
N ALA A 530 5.72 12.26 -19.82
CA ALA A 530 5.77 13.08 -21.03
C ALA A 530 6.18 14.51 -20.72
N GLU A 531 5.58 15.10 -19.69
CA GLU A 531 5.93 16.48 -19.32
C GLU A 531 7.39 16.57 -18.94
N THR A 532 7.85 15.60 -18.13
CA THR A 532 9.23 15.56 -17.70
C THR A 532 10.10 15.51 -18.96
N ASP A 533 9.85 14.60 -19.90
CA ASP A 533 10.66 14.45 -21.10
C ASP A 533 10.73 15.76 -21.87
N ARG A 534 9.60 16.46 -21.99
CA ARG A 534 9.61 17.76 -22.66
C ARG A 534 10.52 18.73 -21.93
N LEU A 535 10.46 18.73 -20.59
CA LEU A 535 11.30 19.64 -19.81
C LEU A 535 12.78 19.38 -20.02
N GLU A 536 13.21 18.10 -19.97
CA GLU A 536 14.63 17.83 -20.23
C GLU A 536 15.01 18.12 -21.66
N ALA A 537 14.11 17.88 -22.62
CA ALA A 537 14.43 18.25 -24.00
C ALA A 537 14.68 19.75 -24.10
N ARG A 538 13.80 20.55 -23.50
CA ARG A 538 13.97 22.00 -23.52
C ARG A 538 15.29 22.41 -22.89
N LYS A 539 15.59 21.90 -21.69
CA LYS A 539 16.80 22.32 -21.00
C LYS A 539 18.05 21.82 -21.73
N LYS A 540 18.00 20.64 -22.34
CA LYS A 540 19.14 20.15 -23.09
C LYS A 540 19.41 21.02 -24.31
N THR A 541 18.36 21.42 -25.03
CA THR A 541 18.55 22.34 -26.14
C THR A 541 19.13 23.67 -25.65
N LYS A 542 18.62 24.18 -24.53
CA LYS A 542 19.13 25.44 -24.01
C LYS A 542 20.61 25.32 -23.67
N ASN A 543 21.00 24.24 -22.99
CA ASN A 543 22.39 24.06 -22.60
C ASN A 543 23.29 23.89 -23.82
N LYS A 544 22.84 23.12 -24.82
CA LYS A 544 23.65 22.93 -26.02
C LYS A 544 23.83 24.24 -26.77
N GLN A 545 22.78 25.05 -26.87
CA GLN A 545 22.88 26.32 -27.59
C GLN A 545 23.75 27.32 -26.83
N LEU A 546 23.54 27.43 -25.52
CA LEU A 546 24.25 28.42 -24.71
C LEU A 546 25.49 27.87 -24.02
N GLY A 547 25.85 26.61 -24.27
CA GLY A 547 26.98 26.05 -23.57
C GLY A 547 26.64 25.73 -22.13
N HIS A 548 27.70 25.54 -21.34
CA HIS A 548 27.57 25.20 -19.92
C HIS A 548 26.74 23.93 -19.75
N GLU A 549 27.28 22.85 -20.29
CA GLU A 549 26.59 21.56 -20.26
C GLU A 549 26.30 21.14 -18.82
N GLU A 550 25.49 20.09 -18.70
CA GLU A 550 25.09 19.62 -17.37
C GLU A 550 26.30 19.24 -16.54
N ASP A 551 27.26 18.52 -17.14
CA ASP A 551 28.47 18.12 -16.45
C ASP A 551 29.54 17.82 -17.48
N TYR A 552 30.77 18.22 -17.18
CA TYR A 552 31.92 17.98 -18.06
C TYR A 552 32.59 16.68 -17.63
N ALA A 553 31.96 15.56 -17.99
CA ALA A 553 32.44 14.22 -17.72
C ALA A 553 32.52 13.91 -16.23
N LEU A 554 31.95 14.77 -15.38
CA LEU A 554 31.93 14.54 -13.93
C LEU A 554 33.33 14.30 -13.39
N GLY A 555 34.31 15.04 -13.91
CA GLY A 555 35.67 14.91 -13.43
C GLY A 555 36.28 13.56 -13.78
N LYS A 556 37.38 13.27 -13.08
CA LYS A 556 38.12 12.03 -13.31
C LYS A 556 37.89 11.00 -12.21
N ASP A 557 37.76 11.44 -10.96
CA ASP A 557 37.60 10.51 -9.84
C ASP A 557 36.50 10.95 -8.89
N CYS A 558 35.38 11.43 -9.42
CA CYS A 558 34.30 11.95 -8.58
C CYS A 558 33.55 10.81 -7.90
N ILE A 559 33.49 10.84 -6.56
CA ILE A 559 32.74 9.83 -5.83
C ILE A 559 31.24 10.04 -6.03
N MET A 560 30.79 11.29 -5.93
CA MET A 560 29.38 11.60 -6.05
C MET A 560 29.24 13.10 -6.25
N HIS A 561 28.12 13.51 -6.85
CA HIS A 561 27.84 14.92 -7.06
C HIS A 561 26.34 15.13 -7.03
N GLY A 562 25.94 16.36 -6.69
CA GLY A 562 24.54 16.70 -6.65
C GLY A 562 24.34 18.09 -6.08
N TYR A 563 23.12 18.58 -6.25
CA TYR A 563 22.78 19.90 -5.75
C TYR A 563 22.72 19.90 -4.22
N MET A 564 23.22 20.97 -3.62
CA MET A 564 23.07 21.21 -2.20
C MET A 564 23.03 22.70 -1.95
N SER A 565 22.44 23.09 -0.83
CA SER A 565 22.26 24.50 -0.50
C SER A 565 23.26 24.90 0.59
N LYS A 566 24.31 25.60 0.19
CA LYS A 566 25.20 26.19 1.19
C LYS A 566 24.41 27.19 2.02
N MET A 567 24.34 26.94 3.32
CA MET A 567 23.29 27.50 4.18
C MET A 567 23.91 28.38 5.26
N GLY A 568 23.11 29.32 5.75
CA GLY A 568 23.38 30.00 7.01
C GLY A 568 24.07 31.35 6.91
N ASN A 569 24.22 31.92 5.72
CA ASN A 569 24.85 33.22 5.61
C ASN A 569 23.84 34.33 5.87
N PRO A 570 23.98 35.13 6.93
CA PRO A 570 23.02 36.22 7.14
C PRO A 570 23.14 37.34 6.12
N PHE A 571 24.34 37.63 5.64
CA PHE A 571 24.58 38.75 4.75
C PHE A 571 24.36 38.40 3.28
N LEU A 572 24.05 37.15 2.98
CA LEU A 572 23.69 36.75 1.62
C LEU A 572 22.37 35.99 1.66
N THR A 573 21.90 35.52 0.51
CA THR A 573 20.72 34.68 0.49
C THR A 573 20.97 33.44 1.34
N GLN A 574 19.99 33.10 2.18
CA GLN A 574 20.16 31.94 3.06
C GLN A 574 20.32 30.66 2.27
N TRP A 575 19.54 30.48 1.22
CA TRP A 575 19.53 29.26 0.42
C TRP A 575 20.43 29.45 -0.80
N GLN A 576 21.74 29.33 -0.59
CA GLN A 576 22.71 29.49 -1.67
C GLN A 576 22.87 28.17 -2.41
N ARG A 577 21.85 27.82 -3.18
CA ARG A 577 21.85 26.55 -3.89
C ARG A 577 23.00 26.50 -4.90
N ARG A 578 23.73 25.38 -4.90
CA ARG A 578 24.90 25.21 -5.74
C ARG A 578 25.07 23.73 -6.06
N TYR A 579 26.01 23.43 -6.95
CA TYR A 579 26.29 22.08 -7.38
C TYR A 579 27.64 21.63 -6.82
N PHE A 580 27.67 20.46 -6.20
CA PHE A 580 28.84 19.98 -5.47
C PHE A 580 29.37 18.69 -6.08
N TYR A 581 30.68 18.52 -6.02
CA TYR A 581 31.35 17.30 -6.45
C TYR A 581 32.19 16.78 -5.29
N LEU A 582 32.15 15.48 -5.07
CA LEU A 582 32.88 14.85 -3.98
C LEU A 582 34.00 13.98 -4.54
N PHE A 583 35.22 14.21 -4.06
CA PHE A 583 36.39 13.42 -4.41
C PHE A 583 37.03 12.86 -3.14
N PRO A 584 37.79 11.77 -3.25
CA PRO A 584 38.35 11.16 -2.04
C PRO A 584 39.22 12.09 -1.22
N ASN A 585 39.74 13.17 -1.82
CA ASN A 585 40.59 14.10 -1.10
C ASN A 585 39.96 15.47 -0.88
N ARG A 586 38.93 15.82 -1.65
CA ARG A 586 38.37 17.17 -1.54
C ARG A 586 36.92 17.16 -2.00
N LEU A 587 36.21 18.23 -1.63
CA LEU A 587 34.85 18.48 -2.06
C LEU A 587 34.85 19.79 -2.85
N GLU A 588 34.60 19.69 -4.15
CA GLU A 588 34.60 20.88 -5.00
C GLU A 588 33.24 21.56 -4.98
N TRP A 589 33.08 22.69 -5.69
CA TRP A 589 31.90 23.54 -5.56
C TRP A 589 31.76 24.40 -6.81
N ARG A 590 30.63 24.46 -7.44
CA ARG A 590 30.36 25.09 -8.73
C ARG A 590 29.28 26.14 -8.58
N GLY A 591 29.39 27.21 -9.36
CA GLY A 591 28.42 28.28 -9.33
C GLY A 591 27.23 28.01 -10.25
N GLU A 592 26.88 29.00 -11.08
CA GLU A 592 25.78 28.80 -12.02
C GLU A 592 26.13 27.76 -13.09
N GLY A 593 27.41 27.43 -13.25
CA GLY A 593 27.80 26.36 -14.16
C GLY A 593 29.02 26.67 -14.99
N GLU A 594 29.59 27.87 -14.84
CA GLU A 594 30.71 28.26 -15.69
C GLU A 594 31.97 27.49 -15.37
N ALA A 595 32.32 27.37 -14.09
CA ALA A 595 33.57 26.73 -13.72
C ALA A 595 33.54 26.23 -12.27
N PRO A 596 33.77 24.94 -12.03
CA PRO A 596 33.86 24.45 -10.65
C PRO A 596 35.08 25.00 -9.93
N GLN A 597 34.98 25.06 -8.58
CA GLN A 597 36.04 25.60 -7.74
C GLN A 597 36.02 24.83 -6.41
N SER A 598 37.14 24.69 -5.74
CA SER A 598 37.25 23.93 -4.50
C SER A 598 36.63 24.70 -3.34
N LEU A 599 35.83 24.00 -2.53
CA LEU A 599 35.24 24.55 -1.32
C LEU A 599 35.88 24.01 -0.05
N LEU A 600 36.38 22.77 -0.10
CA LEU A 600 36.79 22.10 1.11
C LEU A 600 37.70 20.93 0.76
N THR A 601 38.62 20.60 1.66
CA THR A 601 39.50 19.44 1.53
C THR A 601 39.20 18.48 2.67
N MET A 602 39.07 17.20 2.34
CA MET A 602 38.68 16.21 3.35
C MET A 602 39.66 16.17 4.52
N GLU A 603 40.94 16.43 4.26
CA GLU A 603 41.93 16.42 5.32
C GLU A 603 41.65 17.48 6.38
N GLU A 604 40.86 18.51 6.06
CA GLU A 604 40.52 19.54 7.03
C GLU A 604 39.36 19.14 7.93
N ILE A 605 38.53 18.20 7.52
CA ILE A 605 37.29 17.91 8.23
C ILE A 605 37.61 17.39 9.63
N GLN A 606 36.85 17.89 10.61
CA GLN A 606 36.92 17.38 11.98
C GLN A 606 35.81 16.38 12.25
N SER A 607 34.58 16.74 11.93
CA SER A 607 33.44 15.84 12.12
C SER A 607 32.30 16.26 11.21
N VAL A 608 31.41 15.32 10.94
CA VAL A 608 30.21 15.54 10.14
C VAL A 608 29.02 15.04 10.94
N GLU A 609 28.01 15.88 11.10
CA GLU A 609 26.84 15.52 11.89
C GLU A 609 25.61 16.24 11.35
N GLU A 610 24.45 15.65 11.61
CA GLU A 610 23.19 16.25 11.19
C GLU A 610 22.75 17.30 12.22
N THR A 611 22.02 18.30 11.74
CA THR A 611 21.46 19.33 12.60
C THR A 611 20.15 19.83 12.01
N GLN A 612 19.31 20.38 12.88
CA GLN A 612 18.02 20.94 12.49
C GLN A 612 18.10 22.45 12.51
N ILE A 613 17.79 23.08 11.39
CA ILE A 613 17.81 24.53 11.25
C ILE A 613 16.53 24.97 10.55
N LYS A 614 15.85 25.96 11.12
CA LYS A 614 14.60 26.46 10.57
C LYS A 614 13.57 25.35 10.40
N GLU A 615 13.61 24.38 11.31
CA GLU A 615 12.71 23.23 11.26
C GLU A 615 12.95 22.38 10.00
N ARG A 616 14.15 22.46 9.45
CA ARG A 616 14.53 21.70 8.26
C ARG A 616 15.82 20.93 8.53
N LYS A 617 15.83 19.67 8.10
CA LYS A 617 17.00 18.83 8.29
C LYS A 617 18.16 19.36 7.45
N CYS A 618 19.36 19.36 8.03
CA CYS A 618 20.54 19.88 7.36
C CYS A 618 21.75 19.06 7.78
N LEU A 619 22.86 19.28 7.08
CA LEU A 619 24.13 18.62 7.36
C LEU A 619 25.12 19.67 7.85
N LEU A 620 25.80 19.35 8.95
CA LEU A 620 26.77 20.26 9.55
C LEU A 620 28.15 19.64 9.49
N LEU A 621 29.09 20.38 8.91
CA LEU A 621 30.49 19.95 8.81
C LEU A 621 31.35 20.89 9.64
N LYS A 622 32.08 20.34 10.59
CA LYS A 622 32.99 21.10 11.43
C LYS A 622 34.42 20.91 10.94
N ILE A 623 35.19 21.98 10.91
CA ILE A 623 36.49 22.01 10.26
C ILE A 623 37.57 22.29 11.30
N ARG A 624 38.69 21.58 11.18
CA ARG A 624 39.87 21.87 11.97
C ARG A 624 40.23 23.34 11.86
N GLY A 625 40.24 24.04 12.99
CA GLY A 625 40.51 25.46 13.02
C GLY A 625 39.32 26.33 13.36
N GLY A 626 38.18 25.75 13.73
CA GLY A 626 37.02 26.50 14.14
C GLY A 626 36.05 26.84 13.03
N LYS A 627 36.39 26.58 11.78
CA LYS A 627 35.47 26.85 10.68
C LYS A 627 34.40 25.76 10.61
N GLN A 628 33.29 26.10 9.96
CA GLN A 628 32.20 25.15 9.78
C GLN A 628 31.42 25.50 8.52
N PHE A 629 30.73 24.50 7.98
CA PHE A 629 29.85 24.68 6.83
C PHE A 629 28.53 23.95 7.10
N VAL A 630 27.45 24.49 6.56
CA VAL A 630 26.13 23.89 6.67
C VAL A 630 25.58 23.67 5.28
N LEU A 631 25.16 22.43 5.00
CA LEU A 631 24.61 22.05 3.71
C LEU A 631 23.24 21.42 3.91
N GLN A 632 22.30 21.76 3.03
CA GLN A 632 20.93 21.29 3.13
C GLN A 632 20.53 20.62 1.83
N CYS A 633 19.98 19.41 1.94
CA CYS A 633 19.63 18.59 0.79
C CYS A 633 18.11 18.60 0.59
N ASP A 634 17.67 17.98 -0.51
CA ASP A 634 16.30 18.18 -0.96
C ASP A 634 15.38 17.01 -0.60
N SER A 635 15.96 15.82 -0.59
CA SER A 635 15.22 14.64 -0.34
C SER A 635 15.98 14.01 0.78
N ASP A 636 15.26 13.35 1.67
CA ASP A 636 15.93 12.65 2.75
C ASP A 636 16.97 11.71 2.16
N PRO A 637 16.72 11.07 0.98
CA PRO A 637 17.76 10.13 0.51
C PRO A 637 19.03 10.85 0.15
N GLU A 638 18.94 12.05 -0.41
CA GLU A 638 20.14 12.83 -0.69
C GLU A 638 20.88 13.13 0.61
N LEU A 639 20.14 13.54 1.65
CA LEU A 639 20.79 13.85 2.92
C LEU A 639 21.46 12.62 3.51
N VAL A 640 20.77 11.49 3.51
CA VAL A 640 21.33 10.27 4.09
C VAL A 640 22.59 9.87 3.35
N GLN A 641 22.53 9.87 2.01
CA GLN A 641 23.67 9.42 1.23
C GLN A 641 24.83 10.40 1.32
N TRP A 642 24.54 11.71 1.32
CA TRP A 642 25.61 12.69 1.47
C TRP A 642 26.29 12.55 2.82
N LYS A 643 25.51 12.39 3.89
CA LYS A 643 26.10 12.17 5.20
C LYS A 643 26.99 10.94 5.19
N LYS A 644 26.47 9.81 4.72
CA LYS A 644 27.23 8.57 4.72
C LYS A 644 28.52 8.71 3.92
N GLU A 645 28.42 9.29 2.72
CA GLU A 645 29.57 9.32 1.83
C GLU A 645 30.62 10.32 2.29
N LEU A 646 30.19 11.49 2.77
CA LEU A 646 31.17 12.43 3.33
C LEU A 646 31.87 11.82 4.54
N ARG A 647 31.10 11.18 5.42
CA ARG A 647 31.70 10.57 6.59
C ARG A 647 32.73 9.51 6.20
N ASP A 648 32.34 8.59 5.31
CA ASP A 648 33.27 7.56 4.87
C ASP A 648 34.49 8.17 4.22
N ALA A 649 34.29 9.19 3.38
CA ALA A 649 35.39 9.79 2.65
C ALA A 649 36.41 10.39 3.59
N TYR A 650 35.97 11.26 4.51
CA TYR A 650 36.96 11.92 5.36
C TYR A 650 37.57 10.94 6.35
N ARG A 651 36.76 9.99 6.86
CA ARG A 651 37.32 8.99 7.76
C ARG A 651 38.41 8.18 7.07
N GLU A 652 38.16 7.72 5.85
CA GLU A 652 39.17 6.95 5.13
C GLU A 652 40.39 7.80 4.82
N ALA A 653 40.17 9.05 4.37
CA ALA A 653 41.30 9.90 4.01
C ALA A 653 42.19 10.17 5.22
N GLN A 654 41.59 10.43 6.39
CA GLN A 654 42.38 10.72 7.57
C GLN A 654 43.01 9.47 8.17
N GLN A 655 42.32 8.32 8.09
CA GLN A 655 42.93 7.09 8.56
C GLN A 655 44.14 6.73 7.71
N LEU A 656 44.03 6.86 6.39
CA LEU A 656 45.17 6.61 5.52
C LEU A 656 46.29 7.60 5.80
N VAL A 657 45.95 8.88 6.00
CA VAL A 657 46.95 9.89 6.30
C VAL A 657 47.57 9.68 7.67
N GLN A 658 46.93 8.90 8.53
CA GLN A 658 47.46 8.63 9.87
C GLN A 658 48.79 7.89 9.78
#